data_2I0Q
#
_entry.id   2I0Q
#
_cell.length_a   93.331
_cell.length_b   93.331
_cell.length_c   423.779
_cell.angle_alpha   90.00
_cell.angle_beta   90.00
_cell.angle_gamma   120.00
#
_symmetry.space_group_name_H-M   'P 61 2 2'
#
loop_
_entity.id
_entity.type
_entity.pdbx_description
1 polymer "5'-D(*GP*GP*GP*TP*TP*TP*TP*GP*GP*GP*G)-3'"
2 polymer 'Telomere-binding protein alpha subunit'
3 polymer 'Telomere-binding protein beta subunit'
4 non-polymer 'CHLORIDE ION'
5 non-polymer 1,2-ETHANEDIOL
6 water water
#
loop_
_entity_poly.entity_id
_entity_poly.type
_entity_poly.pdbx_seq_one_letter_code
_entity_poly.pdbx_strand_id
1 'polydeoxyribonucleotide' (DG)(DG)(DG)(DT)(DT)(DT)(DT)(DG)(DG)(DG)(DG) D
2 'polypeptide(L)'
;MSTAAKQNRSTSRVSKKKTAAPKEGAAKKSDKGHKYEYVELAKASLTSAQPQHFYAVVIDATFPYKTNQERYICSLKIVD
PTLYLKQQKGAGDASDYATLVLYAKRFEDLPIIHRAGDIIRVHRATLRLYNGQRQFNANVFYSSSWALFSTDKRSVTQEI
NNQDAVSDTTPFSFSSKHATIEKNEISILQNLRKWANQYFSSYSVISSDMYTALNKAQAQKGDFDVVAKILQVHELDEYT
NELKLKDASGQVFYTLSLKLKFPHVRTGEVVRIRSATYDETSTQKKVLILSHYSNIITFIQSSKLAKELRAKIQDDHSVE
VASLKKNVSLNAVVLTEVDKKHAALPSTSLQDLFHHADSDKELQAQDTFRTQFYVTKIEPSDVKEWVKGYDRKTKKSSSL
KGASGKGDNIFQVQFLVKDASTQLNNNTYRVLLYTQDGLGANFFNVKADNLHKNADARKKLEDSAELLTKFNSYVDAVVE
RRNGFYLIKDTKLIY
;
A
3 'polypeptide(L)'
;MSKGASAPQQQSAFKQLYTELFNNEGDFSKVSSNLKKPLKCYVKESYPHFLVTDGYFFVAPYFTKEAVNEFHAKFPNVNI
VDLTDKVIVINNWSLELRRVNSAEVFTSYANLEARLIVHSFKPNLQERLNPTRYPVNLFRDDEFKTTIQHFRHTALQAAI
NKTVKGDNLVDISKVADAAGKKGKVDAGIVKASASKGDEFSDFSFKEGNTATLKIADIFVQEKGKDALNKAADHTDGAKV
KGGAKGKGKAAAKAAKGKKLSAKKGDSSAADVRKSVDKIVKYTPSKGSRKDTPQKSQAPAAGKSSAKKGGKKAVPSAPSP
SGKKSALTTDKMTMAQFVKYLDWHEKKKGGKVSSGGKVLGKRSAGKASATSGKASKASKKTAAKK
;
B
#
# COMPACT_ATOMS: atom_id res chain seq x y z
N LYS B 35 -13.49 -7.07 43.52
CA LYS B 35 -14.29 -5.88 43.09
C LYS B 35 -13.34 -4.80 42.62
N TYR B 36 -13.61 -4.28 41.43
CA TYR B 36 -12.79 -3.23 40.86
C TYR B 36 -13.53 -1.91 40.97
N GLU B 37 -12.81 -0.90 41.44
CA GLU B 37 -13.38 0.43 41.56
C GLU B 37 -12.80 1.27 40.43
N TYR B 38 -13.66 1.79 39.57
CA TYR B 38 -13.21 2.61 38.45
C TYR B 38 -13.32 4.10 38.74
N VAL B 39 -12.23 4.80 38.50
CA VAL B 39 -12.16 6.24 38.75
C VAL B 39 -12.14 7.02 37.43
N GLU B 40 -12.74 8.21 37.44
CA GLU B 40 -12.78 9.08 36.28
C GLU B 40 -11.39 9.70 36.09
N LEU B 41 -11.03 10.02 34.85
CA LEU B 41 -9.70 10.56 34.55
C LEU B 41 -9.22 11.77 35.34
N ALA B 42 -10.09 12.77 35.50
CA ALA B 42 -9.70 13.99 36.23
C ALA B 42 -9.65 13.80 37.74
N LYS B 43 -10.33 12.77 38.22
CA LYS B 43 -10.39 12.48 39.65
C LYS B 43 -9.36 11.47 40.15
N ALA B 44 -8.65 10.82 39.22
CA ALA B 44 -7.62 9.86 39.60
C ALA B 44 -6.56 10.56 40.44
N SER B 45 -6.06 9.87 41.45
CA SER B 45 -5.06 10.43 42.35
C SER B 45 -3.63 10.46 41.83
N LEU B 46 -2.97 11.60 42.08
CA LEU B 46 -1.59 11.79 41.68
C LEU B 46 -0.65 11.47 42.84
N THR B 47 -1.23 11.18 44.00
CA THR B 47 -0.43 10.91 45.19
C THR B 47 -0.38 9.48 45.71
N SER B 48 -1.54 8.83 45.78
N SER B 48 -1.50 8.77 45.65
CA SER B 48 -1.65 7.46 46.29
CA SER B 48 -1.54 7.39 46.12
C SER B 48 -0.89 6.42 45.48
C SER B 48 -0.44 6.55 45.47
N ALA B 49 0.03 5.72 46.15
N ALA B 49 -0.16 6.82 44.20
CA ALA B 49 0.86 4.70 45.53
CA ALA B 49 0.85 6.07 43.43
C ALA B 49 0.20 3.32 45.50
C ALA B 49 0.46 4.59 43.43
N GLN B 50 -1.01 3.28 44.92
N GLN B 50 -0.78 4.34 43.84
CA GLN B 50 -1.77 2.05 44.77
CA GLN B 50 -1.35 3.01 43.93
C GLN B 50 -2.49 2.12 43.43
C GLN B 50 -2.09 2.68 42.64
N PRO B 51 -2.20 1.17 42.52
N PRO B 51 -2.13 1.40 42.27
CA PRO B 51 -2.77 1.07 41.17
CA PRO B 51 -2.80 0.93 41.07
C PRO B 51 -4.25 1.44 41.06
C PRO B 51 -4.27 1.32 40.98
N GLN B 52 -4.57 2.20 40.02
CA GLN B 52 -5.94 2.65 39.78
C GLN B 52 -6.50 2.02 38.50
N HIS B 53 -7.82 2.01 38.38
CA HIS B 53 -8.49 1.41 37.23
C HIS B 53 -9.45 2.43 36.63
N PHE B 54 -9.70 2.32 35.33
CA PHE B 54 -10.60 3.25 34.66
C PHE B 54 -11.13 2.77 33.32
N TYR B 55 -12.18 3.45 32.87
CA TYR B 55 -12.80 3.23 31.58
C TYR B 55 -12.55 4.57 30.87
N ALA B 56 -12.24 4.53 29.58
CA ALA B 56 -11.98 5.75 28.80
C ALA B 56 -12.22 5.55 27.29
N VAL B 57 -12.38 6.66 26.58
CA VAL B 57 -12.60 6.65 25.12
C VAL B 57 -11.25 6.97 24.49
N VAL B 58 -10.83 6.12 23.56
CA VAL B 58 -9.56 6.29 22.87
C VAL B 58 -9.78 7.22 21.66
N ILE B 59 -8.97 8.27 21.58
CA ILE B 59 -9.09 9.21 20.47
C ILE B 59 -7.88 9.19 19.55
N ASP B 60 -6.79 8.56 20.00
CA ASP B 60 -5.57 8.48 19.20
C ASP B 60 -4.71 7.39 19.78
N ALA B 61 -3.79 6.86 18.97
CA ALA B 61 -2.90 5.82 19.42
C ALA B 61 -1.84 5.50 18.41
N THR B 62 -0.64 5.21 18.90
CA THR B 62 0.43 4.78 18.03
C THR B 62 0.10 3.31 17.79
N PHE B 63 0.83 2.69 16.87
CA PHE B 63 0.65 1.27 16.62
C PHE B 63 1.59 0.66 17.67
N PRO B 64 1.31 -0.56 18.15
CA PRO B 64 2.24 -1.13 19.15
C PRO B 64 3.59 -1.31 18.46
N TYR B 65 4.67 -0.82 19.07
CA TYR B 65 5.97 -0.92 18.44
C TYR B 65 7.10 -1.39 19.34
N LYS B 66 8.15 -1.94 18.74
CA LYS B 66 9.30 -2.44 19.49
C LYS B 66 10.35 -1.35 19.70
N THR B 67 10.90 -1.27 20.92
CA THR B 67 11.92 -0.27 21.23
C THR B 67 13.29 -0.93 21.42
N ASN B 68 13.29 -2.19 21.83
N ASN B 68 13.28 -2.18 21.88
N ASN B 68 13.28 -2.18 21.85
CA ASN B 68 14.52 -2.94 22.00
CA ASN B 68 14.50 -2.94 22.12
CA ASN B 68 14.51 -2.93 22.08
C ASN B 68 14.23 -4.43 21.97
C ASN B 68 14.22 -4.43 22.01
C ASN B 68 14.23 -4.43 22.02
N GLN B 69 15.29 -5.23 22.12
CA GLN B 69 15.21 -6.69 22.07
C GLN B 69 14.23 -7.42 23.01
N GLU B 70 13.48 -6.68 23.82
CA GLU B 70 12.51 -7.26 24.72
C GLU B 70 11.54 -6.23 25.30
N ARG B 71 11.13 -5.26 24.48
CA ARG B 71 10.21 -4.22 24.95
C ARG B 71 9.35 -3.62 23.83
N TYR B 72 8.05 -3.58 24.06
CA TYR B 72 7.10 -3.02 23.11
C TYR B 72 6.26 -1.98 23.83
N ILE B 73 5.87 -0.94 23.12
CA ILE B 73 5.08 0.13 23.71
C ILE B 73 3.94 0.56 22.79
N CYS B 74 2.83 0.96 23.38
CA CYS B 74 1.71 1.54 22.65
C CYS B 74 1.27 2.75 23.47
N SER B 75 1.22 3.90 22.82
CA SER B 75 0.84 5.17 23.44
C SER B 75 -0.55 5.58 22.97
N LEU B 76 -1.47 5.88 23.89
CA LEU B 76 -2.82 6.28 23.53
C LEU B 76 -3.25 7.60 24.16
N LYS B 77 -4.14 8.32 23.47
CA LYS B 77 -4.69 9.57 24.02
C LYS B 77 -6.09 9.14 24.41
N ILE B 78 -6.46 9.42 25.65
CA ILE B 78 -7.76 9.03 26.18
C ILE B 78 -8.53 10.17 26.83
N VAL B 79 -9.85 10.06 26.80
CA VAL B 79 -10.74 11.06 27.38
C VAL B 79 -11.93 10.40 28.05
N ASP B 80 -12.65 11.19 28.83
CA ASP B 80 -13.87 10.75 29.50
C ASP B 80 -14.66 12.01 29.91
N PRO B 81 -15.89 11.87 30.42
CA PRO B 81 -16.69 13.04 30.80
C PRO B 81 -16.04 14.10 31.68
N THR B 82 -14.94 13.75 32.34
CA THR B 82 -14.26 14.70 33.21
C THR B 82 -13.01 15.32 32.58
N LEU B 83 -12.58 14.79 31.45
CA LEU B 83 -11.38 15.29 30.76
C LEU B 83 -11.50 15.07 29.27
N TYR B 84 -11.88 16.12 28.54
CA TYR B 84 -12.09 16.03 27.11
C TYR B 84 -11.95 17.34 26.33
N LEU B 85 -12.00 18.48 27.01
CA LEU B 85 -11.91 19.77 26.33
C LEU B 85 -11.14 20.86 27.10
N LYS B 86 -10.35 21.64 26.37
CA LYS B 86 -9.56 22.72 26.97
C LYS B 86 -10.36 24.01 27.18
N GLN B 87 -9.88 24.82 28.12
CA GLN B 87 -10.50 26.10 28.48
C GLN B 87 -10.39 27.14 27.38
N GLN B 88 -11.52 27.68 26.96
CA GLN B 88 -11.52 28.67 25.90
C GLN B 88 -12.34 29.91 26.15
N LYS B 89 -11.62 31.03 26.24
CA LYS B 89 -12.23 32.33 26.45
C LYS B 89 -12.70 32.77 25.04
N GLY B 90 -12.58 31.85 24.08
CA GLY B 90 -12.96 32.12 22.71
C GLY B 90 -13.96 31.25 21.97
N ALA B 91 -13.67 30.93 20.71
CA ALA B 91 -14.62 30.17 19.88
C ALA B 91 -14.20 28.93 19.06
N GLY B 92 -13.00 28.38 19.28
CA GLY B 92 -12.57 27.20 18.54
C GLY B 92 -12.13 26.06 19.45
N ASP B 93 -13.07 25.21 19.86
CA ASP B 93 -12.81 24.09 20.78
C ASP B 93 -11.70 23.06 20.52
N ALA B 94 -10.64 23.16 21.34
CA ALA B 94 -9.47 22.28 21.29
C ALA B 94 -9.66 21.18 22.34
N SER B 95 -9.36 19.93 21.95
CA SER B 95 -9.54 18.79 22.84
C SER B 95 -8.51 18.66 23.96
N ASP B 96 -8.98 18.22 25.13
CA ASP B 96 -8.09 18.01 26.26
C ASP B 96 -8.09 16.50 26.48
N TYR B 97 -6.96 15.95 26.90
CA TYR B 97 -6.88 14.51 27.07
C TYR B 97 -5.77 14.09 28.00
N ALA B 98 -5.81 12.82 28.40
CA ALA B 98 -4.77 12.24 29.23
C ALA B 98 -4.06 11.28 28.28
N THR B 99 -2.84 10.87 28.64
CA THR B 99 -2.10 9.93 27.82
C THR B 99 -1.99 8.61 28.57
N LEU B 100 -2.07 7.51 27.84
CA LEU B 100 -1.96 6.18 28.43
C LEU B 100 -0.80 5.50 27.75
N VAL B 101 0.20 5.09 28.52
CA VAL B 101 1.36 4.42 27.95
C VAL B 101 1.39 2.97 28.44
N LEU B 102 1.19 2.04 27.51
CA LEU B 102 1.21 0.61 27.81
C LEU B 102 2.54 -0.03 27.48
N TYR B 103 3.12 -0.72 28.46
CA TYR B 103 4.41 -1.39 28.30
C TYR B 103 4.23 -2.89 28.33
N ALA B 104 4.95 -3.60 27.48
CA ALA B 104 4.85 -5.05 27.42
C ALA B 104 6.14 -5.65 26.90
N LYS B 105 6.26 -6.97 27.04
CA LYS B 105 7.46 -7.68 26.58
C LYS B 105 7.18 -8.40 25.27
N ARG B 106 5.90 -8.42 24.89
CA ARG B 106 5.47 -9.07 23.65
C ARG B 106 4.49 -8.19 22.88
N PHE B 107 4.60 -8.24 21.55
CA PHE B 107 3.73 -7.47 20.65
C PHE B 107 2.25 -7.78 20.90
N GLU B 108 1.94 -9.07 21.05
CA GLU B 108 0.57 -9.54 21.27
C GLU B 108 -0.13 -9.06 22.56
N ASP B 109 0.64 -8.52 23.51
CA ASP B 109 0.06 -8.03 24.76
C ASP B 109 -0.37 -6.56 24.70
N LEU B 110 -0.31 -5.96 23.51
CA LEU B 110 -0.68 -4.56 23.32
C LEU B 110 -1.89 -4.41 22.38
N PRO B 111 -2.73 -3.39 22.61
CA PRO B 111 -3.92 -3.19 21.77
C PRO B 111 -3.64 -2.52 20.43
N ILE B 112 -4.23 -3.04 19.37
CA ILE B 112 -4.09 -2.43 18.04
C ILE B 112 -5.35 -1.60 17.85
N ILE B 113 -5.21 -0.29 17.91
CA ILE B 113 -6.34 0.63 17.78
C ILE B 113 -6.51 1.01 16.31
N HIS B 114 -7.62 0.59 15.72
CA HIS B 114 -7.91 0.90 14.31
C HIS B 114 -8.89 2.05 14.16
N ARG B 115 -9.57 2.40 15.26
CA ARG B 115 -10.61 3.42 15.21
C ARG B 115 -10.74 4.31 16.46
N ALA B 116 -10.86 5.61 16.22
CA ALA B 116 -11.03 6.60 17.28
C ALA B 116 -12.49 6.58 17.72
N GLY B 117 -12.70 6.53 19.03
CA GLY B 117 -14.07 6.52 19.54
C GLY B 117 -14.39 5.26 20.34
N ASP B 118 -13.59 4.21 20.15
CA ASP B 118 -13.81 2.97 20.90
C ASP B 118 -13.37 3.17 22.35
N ILE B 119 -13.73 2.21 23.21
CA ILE B 119 -13.46 2.29 24.65
C ILE B 119 -12.45 1.29 25.19
N ILE B 120 -11.58 1.76 26.09
CA ILE B 120 -10.60 0.90 26.70
C ILE B 120 -10.80 0.88 28.23
N ARG B 121 -10.63 -0.31 28.81
CA ARG B 121 -10.74 -0.50 30.26
C ARG B 121 -9.36 -0.92 30.69
N VAL B 122 -8.81 -0.23 31.69
CA VAL B 122 -7.47 -0.55 32.19
C VAL B 122 -7.49 -0.88 33.68
N HIS B 123 -6.77 -1.95 34.03
CA HIS B 123 -6.64 -2.41 35.39
C HIS B 123 -5.20 -2.22 35.83
N ARG B 124 -5.02 -1.66 37.02
CA ARG B 124 -3.70 -1.46 37.59
C ARG B 124 -2.75 -0.49 36.90
N ALA B 125 -3.21 0.74 36.66
CA ALA B 125 -2.38 1.77 36.05
C ALA B 125 -1.91 2.75 37.12
N THR B 126 -0.71 3.30 36.93
CA THR B 126 -0.17 4.30 37.84
C THR B 126 -0.30 5.64 37.12
N LEU B 127 -0.36 6.72 37.89
CA LEU B 127 -0.52 8.05 37.30
C LEU B 127 0.55 9.04 37.77
N ARG B 128 1.01 9.86 36.83
CA ARG B 128 1.97 10.90 37.16
C ARG B 128 1.83 12.02 36.14
N LEU B 129 2.41 13.17 36.46
CA LEU B 129 2.36 14.32 35.58
C LEU B 129 3.60 14.30 34.70
N TYR B 130 3.38 14.32 33.39
CA TYR B 130 4.49 14.33 32.43
C TYR B 130 4.29 15.59 31.61
N ASN B 131 5.16 16.56 31.87
CA ASN B 131 5.11 17.87 31.22
C ASN B 131 3.73 18.52 31.29
N GLY B 132 3.23 18.60 32.52
CA GLY B 132 1.94 19.21 32.78
C GLY B 132 0.69 18.40 32.46
N GLN B 133 0.85 17.23 31.84
CA GLN B 133 -0.32 16.44 31.48
C GLN B 133 -0.42 15.13 32.27
N ARG B 134 -1.64 14.64 32.42
CA ARG B 134 -1.86 13.40 33.16
C ARG B 134 -1.48 12.19 32.31
N GLN B 135 -0.47 11.46 32.79
CA GLN B 135 0.03 10.28 32.09
C GLN B 135 -0.16 9.02 32.93
N PHE B 136 -1.07 8.17 32.46
CA PHE B 136 -1.36 6.88 33.09
C PHE B 136 -0.42 5.87 32.46
N ASN B 137 0.27 5.09 33.29
CA ASN B 137 1.20 4.08 32.82
C ASN B 137 0.75 2.70 33.28
N ALA B 138 0.98 1.69 32.45
CA ALA B 138 0.58 0.34 32.81
C ALA B 138 1.55 -0.68 32.26
N ASN B 139 2.11 -1.47 33.18
CA ASN B 139 3.05 -2.52 32.83
C ASN B 139 2.30 -3.83 32.63
N VAL B 140 1.92 -4.08 31.38
CA VAL B 140 1.18 -5.29 31.03
C VAL B 140 1.99 -6.54 31.32
N PHE B 141 3.31 -6.41 31.30
CA PHE B 141 4.19 -7.53 31.57
C PHE B 141 4.25 -7.92 33.06
N TYR B 142 3.81 -7.01 33.92
N TYR B 142 3.82 -7.02 33.93
CA TYR B 142 3.81 -7.27 35.36
CA TYR B 142 3.81 -7.29 35.36
C TYR B 142 2.44 -7.74 35.82
C TYR B 142 2.43 -7.74 35.83
N SER B 143 1.56 -6.78 36.15
CA SER B 143 0.23 -7.12 36.61
C SER B 143 -0.90 -6.35 35.94
N SER B 144 -0.57 -5.35 35.14
CA SER B 144 -1.60 -4.55 34.47
C SER B 144 -2.29 -5.29 33.32
N SER B 145 -3.50 -4.86 32.99
CA SER B 145 -4.26 -5.46 31.90
C SER B 145 -5.17 -4.43 31.25
N TRP B 146 -5.57 -4.71 30.00
CA TRP B 146 -6.47 -3.81 29.26
C TRP B 146 -7.51 -4.62 28.51
N ALA B 147 -8.65 -3.99 28.21
CA ALA B 147 -9.74 -4.60 27.48
C ALA B 147 -10.40 -3.55 26.57
N LEU B 148 -10.57 -3.88 25.29
CA LEU B 148 -11.19 -2.96 24.32
C LEU B 148 -12.65 -3.32 24.08
N PHE B 149 -13.51 -2.31 24.05
CA PHE B 149 -14.93 -2.48 23.80
C PHE B 149 -15.29 -1.58 22.61
N SER B 150 -16.16 -2.06 21.73
CA SER B 150 -16.55 -1.26 20.57
C SER B 150 -17.69 -0.33 20.91
N THR B 151 -17.56 0.93 20.50
CA THR B 151 -18.58 1.94 20.75
C THR B 151 -19.72 1.72 19.75
N ASP B 152 -19.35 1.38 18.52
CA ASP B 152 -20.33 1.08 17.49
C ASP B 152 -20.72 -0.38 17.70
N LYS B 153 -21.78 -0.82 17.03
CA LYS B 153 -22.27 -2.19 17.16
C LYS B 153 -21.19 -3.25 16.90
N ARG B 154 -20.31 -2.98 15.94
CA ARG B 154 -19.23 -3.91 15.59
C ARG B 154 -17.87 -3.24 15.66
N SER B 155 -16.85 -4.04 15.94
CA SER B 155 -15.48 -3.56 15.98
C SER B 155 -15.03 -3.44 14.54
N VAL B 156 -13.91 -2.77 14.31
CA VAL B 156 -13.41 -2.64 12.94
C VAL B 156 -13.21 -4.01 12.31
N THR B 157 -12.56 -4.91 13.05
CA THR B 157 -12.31 -6.26 12.57
C THR B 157 -13.61 -7.00 12.25
N GLN B 158 -14.63 -6.82 13.08
CA GLN B 158 -15.93 -7.46 12.87
C GLN B 158 -16.63 -6.90 11.62
N GLU B 159 -16.44 -5.60 11.39
CA GLU B 159 -17.03 -4.95 10.23
C GLU B 159 -16.39 -5.52 8.97
N ILE B 160 -15.06 -5.64 8.98
CA ILE B 160 -14.30 -6.18 7.87
C ILE B 160 -14.74 -7.58 7.48
N ASN B 161 -14.95 -8.43 8.47
CA ASN B 161 -15.35 -9.81 8.21
C ASN B 161 -16.85 -10.06 8.29
N ASN B 162 -17.61 -8.97 8.38
CA ASN B 162 -19.08 -9.04 8.47
C ASN B 162 -19.53 -10.09 9.48
N GLN B 163 -19.38 -9.78 10.76
CA GLN B 163 -19.76 -10.70 11.83
C GLN B 163 -20.30 -9.92 13.03
N ASP B 164 -21.44 -10.34 13.56
CA ASP B 164 -22.02 -9.67 14.72
C ASP B 164 -21.17 -9.93 15.95
N ALA B 165 -21.31 -9.08 16.97
CA ALA B 165 -20.55 -9.24 18.22
C ALA B 165 -21.26 -10.22 19.13
N VAL B 166 -20.52 -10.83 20.05
CA VAL B 166 -21.08 -11.78 21.00
C VAL B 166 -22.20 -11.10 21.80
N SER B 167 -21.91 -9.91 22.31
CA SER B 167 -22.86 -9.11 23.09
C SER B 167 -22.31 -7.71 23.24
N ASP B 168 -23.14 -6.78 23.70
N ASP B 168 -23.15 -6.79 23.71
CA ASP B 168 -22.70 -5.40 23.87
CA ASP B 168 -22.76 -5.40 23.90
C ASP B 168 -21.75 -5.23 25.08
C ASP B 168 -21.83 -5.22 25.10
N THR B 169 -21.61 -6.29 25.86
CA THR B 169 -20.73 -6.24 27.04
C THR B 169 -19.47 -7.07 26.89
N THR B 170 -19.29 -7.66 25.70
CA THR B 170 -18.12 -8.49 25.42
C THR B 170 -17.00 -7.66 24.79
N PRO B 171 -15.79 -7.70 25.37
CA PRO B 171 -14.66 -6.94 24.84
C PRO B 171 -14.12 -7.67 23.59
N PHE B 172 -13.90 -6.93 22.50
CA PHE B 172 -13.42 -7.57 21.27
C PHE B 172 -11.94 -7.93 21.28
N SER B 173 -11.22 -7.40 22.25
CA SER B 173 -9.79 -7.63 22.39
C SER B 173 -9.39 -7.36 23.85
N PHE B 174 -8.42 -8.11 24.36
CA PHE B 174 -7.96 -7.92 25.75
C PHE B 174 -6.63 -8.60 26.01
N SER B 175 -5.88 -8.09 27.01
CA SER B 175 -4.59 -8.67 27.39
C SER B 175 -4.86 -9.87 28.31
N SER B 176 -3.86 -10.70 28.52
CA SER B 176 -3.95 -11.92 29.35
C SER B 176 -4.92 -12.94 28.75
N LYS B 177 -5.00 -14.12 29.36
CA LYS B 177 -5.88 -15.17 28.87
C LYS B 177 -7.36 -14.99 29.18
N HIS B 178 -7.69 -14.07 30.09
CA HIS B 178 -9.09 -13.87 30.46
C HIS B 178 -9.45 -12.42 30.74
N ALA B 179 -10.75 -12.15 30.67
CA ALA B 179 -11.29 -10.82 30.95
C ALA B 179 -12.66 -11.02 31.54
N THR B 180 -12.91 -10.39 32.69
CA THR B 180 -14.19 -10.51 33.37
C THR B 180 -14.95 -9.20 33.41
N ILE B 181 -16.26 -9.27 33.14
CA ILE B 181 -17.11 -8.10 33.19
C ILE B 181 -18.13 -8.31 34.31
N GLU B 182 -18.02 -7.52 35.36
CA GLU B 182 -18.93 -7.61 36.50
C GLU B 182 -20.24 -6.90 36.17
N LYS B 183 -21.34 -7.41 36.71
CA LYS B 183 -22.66 -6.84 36.45
C LYS B 183 -22.78 -5.35 36.81
N ASN B 184 -21.97 -4.87 37.75
CA ASN B 184 -22.02 -3.46 38.15
C ASN B 184 -21.32 -2.54 37.14
N GLU B 185 -20.43 -3.12 36.32
CA GLU B 185 -19.69 -2.37 35.31
C GLU B 185 -20.54 -1.96 34.13
N ILE B 186 -21.49 -2.82 33.79
CA ILE B 186 -22.38 -2.60 32.66
C ILE B 186 -22.84 -1.15 32.50
N SER B 187 -23.30 -0.54 33.59
CA SER B 187 -23.76 0.84 33.55
C SER B 187 -22.64 1.81 33.14
N ILE B 188 -21.41 1.53 33.56
CA ILE B 188 -20.26 2.38 33.24
C ILE B 188 -19.99 2.35 31.74
N LEU B 189 -19.97 1.15 31.15
CA LEU B 189 -19.73 0.97 29.73
C LEU B 189 -20.83 1.60 28.87
N GLN B 190 -22.09 1.27 29.18
CA GLN B 190 -23.23 1.80 28.44
C GLN B 190 -23.32 3.32 28.50
N ASN B 191 -23.06 3.91 29.67
CA ASN B 191 -23.10 5.36 29.83
C ASN B 191 -21.95 6.02 29.07
N LEU B 192 -20.78 5.41 29.12
CA LEU B 192 -19.61 5.94 28.41
C LEU B 192 -19.79 5.86 26.90
N ARG B 193 -20.47 4.81 26.43
CA ARG B 193 -20.75 4.66 25.01
C ARG B 193 -21.65 5.80 24.57
N LYS B 194 -22.72 6.02 25.34
CA LYS B 194 -23.66 7.09 25.03
C LYS B 194 -22.93 8.42 25.02
N TRP B 195 -22.01 8.60 25.97
CA TRP B 195 -21.23 9.82 26.06
C TRP B 195 -20.31 9.99 24.85
N ALA B 196 -19.64 8.91 24.45
CA ALA B 196 -18.72 8.92 23.31
C ALA B 196 -19.42 9.39 22.04
N ASN B 197 -20.63 8.90 21.80
CA ASN B 197 -21.39 9.30 20.62
C ASN B 197 -21.80 10.76 20.68
N GLN B 198 -22.21 11.23 21.86
CA GLN B 198 -22.58 12.63 22.01
C GLN B 198 -21.37 13.51 21.77
N TYR B 199 -20.21 13.07 22.27
CA TYR B 199 -18.96 13.79 22.14
C TYR B 199 -18.49 13.89 20.68
N PHE B 200 -18.40 12.75 20.01
CA PHE B 200 -17.97 12.72 18.62
C PHE B 200 -18.92 13.42 17.65
N SER B 201 -20.22 13.43 17.97
CA SER B 201 -21.21 14.07 17.11
C SER B 201 -21.35 15.57 17.37
N SER B 202 -20.84 16.02 18.51
CA SER B 202 -20.93 17.42 18.90
C SER B 202 -19.63 18.20 18.72
N TYR B 203 -18.50 17.48 18.76
CA TYR B 203 -17.18 18.08 18.63
C TYR B 203 -16.33 17.38 17.58
N SER B 204 -15.30 18.07 17.12
CA SER B 204 -14.40 17.50 16.13
C SER B 204 -13.58 16.36 16.75
N VAL B 205 -13.29 16.51 18.04
CA VAL B 205 -12.49 15.56 18.83
C VAL B 205 -11.03 15.63 18.39
N ILE B 206 -10.77 15.35 17.12
CA ILE B 206 -9.41 15.48 16.62
C ILE B 206 -9.45 16.93 16.12
N SER B 207 -9.09 17.85 17.02
CA SER B 207 -9.09 19.28 16.71
C SER B 207 -7.93 19.73 15.82
N SER B 208 -8.05 20.91 15.24
CA SER B 208 -7.05 21.44 14.30
C SER B 208 -5.62 21.49 14.82
N ASP B 209 -5.45 21.55 16.14
CA ASP B 209 -4.11 21.58 16.72
C ASP B 209 -3.48 20.18 16.74
N MET B 210 -4.27 19.16 16.39
CA MET B 210 -3.78 17.78 16.41
C MET B 210 -3.33 17.21 15.07
N TYR B 211 -3.27 18.07 14.04
CA TYR B 211 -2.82 17.62 12.73
C TYR B 211 -2.37 18.80 11.87
N THR B 212 -1.72 18.50 10.75
CA THR B 212 -1.18 19.54 9.88
C THR B 212 -1.84 19.46 8.50
N ALA B 213 -2.15 20.61 7.90
CA ALA B 213 -2.75 20.63 6.56
C ALA B 213 -1.73 20.08 5.57
N LEU B 214 -2.17 19.19 4.69
CA LEU B 214 -1.24 18.60 3.71
C LEU B 214 -0.48 19.61 2.85
N ASN B 215 -1.10 20.74 2.53
CA ASN B 215 -0.40 21.74 1.72
C ASN B 215 0.70 22.47 2.49
N LYS B 216 0.83 22.15 3.78
CA LYS B 216 1.87 22.76 4.61
C LYS B 216 2.81 21.69 5.14
N ALA B 217 2.62 20.44 4.69
CA ALA B 217 3.45 19.32 5.13
C ALA B 217 4.94 19.56 4.91
N GLN B 218 5.25 20.20 3.79
CA GLN B 218 6.65 20.45 3.44
C GLN B 218 7.32 21.41 4.43
N ALA B 219 6.53 22.20 5.14
CA ALA B 219 7.08 23.17 6.11
C ALA B 219 7.38 22.57 7.48
N GLN B 220 7.01 21.31 7.70
CA GLN B 220 7.26 20.65 8.98
C GLN B 220 8.71 20.22 9.14
N LYS B 221 9.23 20.40 10.35
CA LYS B 221 10.61 20.04 10.67
C LYS B 221 10.82 18.54 10.82
N GLY B 222 9.81 17.84 11.32
CA GLY B 222 9.91 16.40 11.52
C GLY B 222 8.60 15.74 11.19
N ASP B 223 8.12 14.83 12.05
CA ASP B 223 6.86 14.18 11.77
C ASP B 223 5.65 15.02 12.15
N PHE B 224 4.49 14.63 11.62
CA PHE B 224 3.25 15.33 11.86
C PHE B 224 2.08 14.40 11.65
N ASP B 225 0.89 14.86 12.00
CA ASP B 225 -0.29 14.05 11.81
C ASP B 225 -1.15 14.61 10.69
N VAL B 226 -2.03 13.76 10.17
CA VAL B 226 -2.89 14.10 9.05
C VAL B 226 -4.30 13.59 9.23
N VAL B 227 -5.29 14.36 8.77
CA VAL B 227 -6.67 13.93 8.78
C VAL B 227 -7.09 14.12 7.32
N ALA B 228 -7.40 13.02 6.65
CA ALA B 228 -7.73 13.08 5.24
C ALA B 228 -8.69 12.00 4.78
N LYS B 229 -9.24 12.19 3.59
CA LYS B 229 -10.15 11.21 3.02
C LYS B 229 -9.36 10.33 2.08
N ILE B 230 -9.66 9.04 2.08
CA ILE B 230 -8.99 8.12 1.20
C ILE B 230 -9.77 8.18 -0.11
N LEU B 231 -9.14 8.69 -1.16
CA LEU B 231 -9.80 8.79 -2.47
C LEU B 231 -9.64 7.53 -3.30
N GLN B 232 -8.63 6.74 -2.95
CA GLN B 232 -8.29 5.52 -3.69
C GLN B 232 -7.35 4.58 -2.93
N VAL B 233 -7.57 3.28 -3.09
CA VAL B 233 -6.71 2.27 -2.48
C VAL B 233 -6.19 1.47 -3.67
N HIS B 234 -4.94 1.72 -4.03
CA HIS B 234 -4.31 1.06 -5.15
C HIS B 234 -3.42 -0.09 -4.67
N GLU B 235 -3.71 -1.31 -5.11
N GLU B 235 -3.72 -1.31 -5.10
CA GLU B 235 -2.90 -2.47 -4.73
CA GLU B 235 -2.92 -2.46 -4.69
C GLU B 235 -1.60 -2.45 -5.50
C GLU B 235 -1.62 -2.47 -5.48
N LEU B 236 -0.55 -1.96 -4.87
CA LEU B 236 0.76 -1.87 -5.51
C LEU B 236 1.40 -3.24 -5.74
N ASP B 237 1.21 -4.15 -4.78
CA ASP B 237 1.72 -5.52 -4.88
C ASP B 237 0.99 -6.36 -3.84
N GLU B 238 1.33 -7.64 -3.73
CA GLU B 238 0.64 -8.52 -2.78
C GLU B 238 0.77 -8.12 -1.30
N TYR B 239 1.74 -7.27 -0.96
CA TYR B 239 1.90 -6.90 0.45
C TYR B 239 1.54 -5.46 0.76
N THR B 240 1.42 -4.64 -0.28
CA THR B 240 1.26 -3.21 -0.11
C THR B 240 0.13 -2.47 -0.83
N ASN B 241 -0.53 -1.59 -0.09
CA ASN B 241 -1.57 -0.75 -0.67
C ASN B 241 -0.94 0.62 -0.79
N GLU B 242 -1.44 1.41 -1.75
CA GLU B 242 -1.00 2.79 -1.90
C GLU B 242 -2.25 3.61 -1.78
N LEU B 243 -2.30 4.43 -0.73
CA LEU B 243 -3.44 5.27 -0.49
C LEU B 243 -3.26 6.63 -1.15
N LYS B 244 -4.30 7.08 -1.85
CA LYS B 244 -4.29 8.41 -2.44
C LYS B 244 -5.16 9.18 -1.47
N LEU B 245 -4.55 10.14 -0.78
CA LEU B 245 -5.25 10.94 0.24
C LEU B 245 -5.45 12.39 -0.17
N LYS B 246 -6.50 13.00 0.37
CA LYS B 246 -6.78 14.41 0.12
C LYS B 246 -7.45 14.96 1.37
N ASP B 247 -6.96 16.09 1.86
CA ASP B 247 -7.55 16.66 3.07
C ASP B 247 -8.32 17.95 2.80
N ALA B 248 -8.69 18.64 3.87
CA ALA B 248 -9.46 19.89 3.76
C ALA B 248 -8.78 21.02 3.00
N SER B 249 -7.45 20.96 2.89
CA SER B 249 -6.68 21.98 2.19
C SER B 249 -6.66 21.78 0.67
N GLY B 250 -7.24 20.68 0.22
CA GLY B 250 -7.30 20.38 -1.20
C GLY B 250 -6.05 19.72 -1.77
N GLN B 251 -5.04 19.53 -0.94
CA GLN B 251 -3.80 18.90 -1.36
C GLN B 251 -3.91 17.37 -1.40
N VAL B 252 -3.27 16.78 -2.41
CA VAL B 252 -3.25 15.32 -2.58
C VAL B 252 -1.87 14.76 -2.27
N PHE B 253 -1.84 13.64 -1.56
CA PHE B 253 -0.59 12.97 -1.21
C PHE B 253 -0.85 11.47 -1.30
N TYR B 254 0.21 10.72 -1.57
CA TYR B 254 0.11 9.27 -1.63
C TYR B 254 0.93 8.71 -0.48
N THR B 255 0.53 7.55 0.03
CA THR B 255 1.31 6.91 1.08
C THR B 255 1.13 5.40 1.03
N LEU B 256 2.20 4.67 1.33
CA LEU B 256 2.13 3.22 1.33
C LEU B 256 1.52 2.75 2.65
N SER B 257 0.71 1.70 2.56
CA SER B 257 -0.02 1.14 3.70
C SER B 257 -0.03 -0.38 3.58
N LEU B 258 0.77 -1.05 4.43
CA LEU B 258 0.85 -2.51 4.40
C LEU B 258 -0.52 -3.13 4.57
N LYS B 259 -0.80 -4.16 3.78
CA LYS B 259 -2.10 -4.80 3.84
C LYS B 259 -2.40 -5.46 5.17
N LEU B 260 -1.41 -6.13 5.73
CA LEU B 260 -1.57 -6.83 7.00
C LEU B 260 -1.77 -5.84 8.16
N LYS B 261 -0.95 -4.80 8.18
CA LYS B 261 -0.99 -3.78 9.23
C LYS B 261 -2.28 -2.98 9.28
N PHE B 262 -2.72 -2.45 8.13
CA PHE B 262 -3.94 -1.64 8.09
C PHE B 262 -4.96 -2.24 7.11
N PRO B 263 -5.64 -3.34 7.50
CA PRO B 263 -6.63 -3.98 6.60
C PRO B 263 -7.97 -3.28 6.50
N HIS B 264 -8.16 -2.23 7.30
CA HIS B 264 -9.41 -1.51 7.31
C HIS B 264 -9.50 -0.29 6.40
N VAL B 265 -8.44 0.00 5.65
CA VAL B 265 -8.46 1.15 4.76
C VAL B 265 -9.50 0.94 3.64
N ARG B 266 -10.37 1.92 3.45
CA ARG B 266 -11.41 1.84 2.44
C ARG B 266 -11.58 3.19 1.72
N THR B 267 -11.79 3.12 0.42
CA THR B 267 -12.00 4.31 -0.38
C THR B 267 -13.25 5.03 0.08
N GLY B 268 -13.16 6.35 0.17
CA GLY B 268 -14.29 7.16 0.61
C GLY B 268 -14.36 7.43 2.10
N GLU B 269 -13.50 6.76 2.87
N GLU B 269 -13.51 6.75 2.88
CA GLU B 269 -13.49 6.93 4.32
CA GLU B 269 -13.49 6.92 4.33
C GLU B 269 -12.44 7.93 4.79
C GLU B 269 -12.44 7.92 4.80
N VAL B 270 -12.73 8.61 5.89
CA VAL B 270 -11.84 9.59 6.47
C VAL B 270 -10.98 8.93 7.54
N VAL B 271 -9.69 9.23 7.53
CA VAL B 271 -8.77 8.65 8.52
C VAL B 271 -7.84 9.68 9.13
N ARG B 272 -7.35 9.37 10.32
CA ARG B 272 -6.35 10.21 10.95
C ARG B 272 -5.09 9.36 10.85
N ILE B 273 -4.03 9.97 10.38
CA ILE B 273 -2.76 9.28 10.29
C ILE B 273 -1.87 9.85 11.38
N ARG B 274 -1.45 8.97 12.28
CA ARG B 274 -0.57 9.34 13.38
C ARG B 274 0.87 9.12 12.98
N SER B 275 1.60 10.21 12.79
CA SER B 275 3.01 10.20 12.47
C SER B 275 3.47 9.88 11.04
N ALA B 276 3.53 10.93 10.23
CA ALA B 276 3.96 10.83 8.85
C ALA B 276 5.03 11.91 8.64
N THR B 277 5.91 11.66 7.68
CA THR B 277 6.94 12.62 7.33
C THR B 277 6.83 12.91 5.84
N TYR B 278 7.19 14.13 5.46
CA TYR B 278 7.16 14.55 4.07
C TYR B 278 8.35 13.89 3.37
N ASP B 279 8.11 13.23 2.24
CA ASP B 279 9.19 12.56 1.52
C ASP B 279 9.91 13.56 0.62
N GLU B 280 11.13 13.94 0.99
CA GLU B 280 11.89 14.89 0.19
C GLU B 280 12.44 14.32 -1.11
N THR B 281 12.56 13.00 -1.16
CA THR B 281 13.09 12.32 -2.34
C THR B 281 12.09 11.96 -3.44
N SER B 282 10.82 12.29 -3.24
CA SER B 282 9.81 12.00 -4.26
C SER B 282 9.56 13.20 -5.16
N THR B 283 10.09 13.07 -6.37
CA THR B 283 10.01 14.08 -7.40
C THR B 283 8.73 14.05 -8.26
N GLN B 284 8.33 12.86 -8.69
CA GLN B 284 7.15 12.68 -9.55
C GLN B 284 5.79 12.82 -8.86
N LYS B 285 5.73 12.52 -7.57
CA LYS B 285 4.48 12.63 -6.84
C LYS B 285 4.68 12.97 -5.36
N LYS B 286 3.63 13.51 -4.75
CA LYS B 286 3.68 13.88 -3.33
C LYS B 286 3.51 12.62 -2.48
N VAL B 287 4.54 12.28 -1.71
CA VAL B 287 4.51 11.09 -0.87
C VAL B 287 4.74 11.36 0.63
N LEU B 288 3.99 10.65 1.48
CA LEU B 288 4.15 10.72 2.93
C LEU B 288 4.79 9.39 3.34
N ILE B 289 5.79 9.46 4.22
CA ILE B 289 6.48 8.27 4.72
C ILE B 289 5.94 7.93 6.11
N LEU B 290 5.64 6.66 6.35
CA LEU B 290 5.14 6.19 7.63
C LEU B 290 6.20 5.34 8.33
N SER B 291 6.16 5.26 9.66
CA SER B 291 7.13 4.47 10.42
C SER B 291 6.44 3.28 11.09
N HIS B 292 7.22 2.38 11.68
CA HIS B 292 6.62 1.23 12.33
C HIS B 292 5.63 1.63 13.43
N TYR B 293 5.86 2.77 14.08
CA TYR B 293 4.95 3.23 15.13
C TYR B 293 3.74 4.00 14.61
N SER B 294 3.77 4.38 13.32
CA SER B 294 2.65 5.13 12.74
C SER B 294 1.38 4.32 12.73
N ASN B 295 0.26 5.02 12.73
CA ASN B 295 -1.02 4.36 12.76
C ASN B 295 -2.03 5.07 11.89
N ILE B 296 -2.94 4.30 11.30
CA ILE B 296 -4.00 4.86 10.46
C ILE B 296 -5.29 4.49 11.13
N ILE B 297 -6.03 5.48 11.62
N ILE B 297 -6.01 5.52 11.55
CA ILE B 297 -7.27 5.17 12.30
CA ILE B 297 -7.24 5.36 12.32
C ILE B 297 -8.49 5.87 11.72
C ILE B 297 -8.52 5.93 11.71
N THR B 298 -9.60 5.14 11.74
CA THR B 298 -10.88 5.60 11.24
C THR B 298 -11.64 6.22 12.42
N PHE B 299 -12.88 6.63 12.17
CA PHE B 299 -13.71 7.25 13.21
C PHE B 299 -15.02 6.50 13.39
N ILE B 300 -15.56 6.50 14.60
CA ILE B 300 -16.84 5.85 14.85
C ILE B 300 -17.90 6.61 14.06
N GLN B 301 -18.98 5.91 13.70
CA GLN B 301 -20.09 6.46 12.90
C GLN B 301 -20.60 7.87 13.26
N SER B 302 -20.69 8.16 14.55
CA SER B 302 -21.19 9.45 15.02
C SER B 302 -20.28 10.65 14.79
N SER B 303 -19.04 10.40 14.40
CA SER B 303 -18.06 11.47 14.17
C SER B 303 -18.51 12.58 13.24
N LYS B 304 -18.58 13.78 13.80
CA LYS B 304 -18.96 14.99 13.10
C LYS B 304 -17.86 15.36 12.09
N LEU B 305 -16.61 15.21 12.52
CA LEU B 305 -15.46 15.50 11.68
C LEU B 305 -15.41 14.61 10.44
N ALA B 306 -15.56 13.30 10.64
CA ALA B 306 -15.53 12.35 9.52
C ALA B 306 -16.70 12.60 8.57
N LYS B 307 -17.88 12.87 9.12
CA LYS B 307 -19.07 13.13 8.32
C LYS B 307 -18.87 14.35 7.42
N GLU B 308 -18.39 15.45 8.03
CA GLU B 308 -18.16 16.70 7.30
C GLU B 308 -17.11 16.55 6.20
N LEU B 309 -16.03 15.84 6.53
CA LEU B 309 -14.94 15.63 5.59
C LEU B 309 -15.32 14.68 4.44
N ARG B 310 -16.17 13.68 4.70
CA ARG B 310 -16.60 12.76 3.65
C ARG B 310 -17.35 13.51 2.55
N ALA B 311 -18.21 14.44 2.95
CA ALA B 311 -19.02 15.23 2.03
C ALA B 311 -18.22 16.34 1.34
N LYS B 312 -17.45 17.07 2.13
CA LYS B 312 -16.66 18.20 1.64
C LYS B 312 -15.51 17.89 0.67
N ILE B 313 -14.79 16.81 0.91
CA ILE B 313 -13.65 16.45 0.07
C ILE B 313 -14.03 15.58 -1.12
N GLN B 314 -13.57 15.97 -2.31
CA GLN B 314 -13.88 15.21 -3.53
C GLN B 314 -12.67 15.05 -4.44
N ASP B 315 -12.66 14.03 -5.30
CA ASP B 315 -11.55 13.79 -6.21
C ASP B 315 -11.84 14.42 -7.58
N ASP B 316 -10.96 15.31 -8.04
CA ASP B 316 -11.17 15.94 -9.36
C ASP B 316 -10.25 15.35 -10.43
N HIS B 317 -9.43 14.39 -10.02
CA HIS B 317 -8.49 13.69 -10.89
C HIS B 317 -7.40 14.55 -11.53
N SER B 318 -7.01 15.63 -10.87
CA SER B 318 -5.98 16.52 -11.38
C SER B 318 -4.66 15.81 -11.63
N VAL B 319 -4.24 14.98 -10.68
CA VAL B 319 -2.98 14.25 -10.82
C VAL B 319 -3.00 13.31 -12.02
N GLU B 320 -4.12 12.60 -12.19
CA GLU B 320 -4.26 11.64 -13.29
C GLU B 320 -4.24 12.35 -14.65
N VAL B 321 -4.99 13.44 -14.76
CA VAL B 321 -5.06 14.20 -16.01
C VAL B 321 -3.69 14.73 -16.39
N ALA B 322 -2.91 15.18 -15.42
CA ALA B 322 -1.56 15.67 -15.70
C ALA B 322 -0.64 14.53 -16.05
N SER B 323 -0.81 13.37 -15.41
CA SER B 323 0.06 12.23 -15.69
C SER B 323 -0.13 11.68 -17.10
N LEU B 324 -1.33 11.86 -17.67
CA LEU B 324 -1.61 11.36 -19.01
C LEU B 324 -0.83 12.12 -20.07
N LYS B 325 -0.32 13.30 -19.73
CA LYS B 325 0.46 14.09 -20.66
C LYS B 325 1.95 13.72 -20.58
N LYS B 326 2.30 12.89 -19.61
CA LYS B 326 3.69 12.45 -19.45
C LYS B 326 3.96 11.13 -20.16
N ASN B 327 5.20 10.91 -20.58
CA ASN B 327 5.57 9.67 -21.25
C ASN B 327 5.53 8.50 -20.27
N VAL B 328 5.98 8.75 -19.04
CA VAL B 328 5.99 7.74 -17.99
C VAL B 328 5.37 8.34 -16.73
N SER B 329 4.31 7.70 -16.23
CA SER B 329 3.62 8.17 -15.03
C SER B 329 3.96 7.31 -13.82
N LEU B 330 4.54 7.92 -12.79
CA LEU B 330 4.86 7.18 -11.58
C LEU B 330 3.63 7.01 -10.70
N ASN B 331 2.52 7.62 -11.10
CA ASN B 331 1.29 7.47 -10.35
C ASN B 331 0.29 6.67 -11.17
N ALA B 332 -0.46 5.82 -10.49
CA ALA B 332 -1.46 5.00 -11.15
C ALA B 332 -2.63 5.82 -11.64
N VAL B 333 -3.27 5.34 -12.71
CA VAL B 333 -4.44 6.02 -13.23
C VAL B 333 -5.51 4.96 -13.45
N VAL B 334 -6.60 5.06 -12.71
CA VAL B 334 -7.71 4.13 -12.86
C VAL B 334 -8.58 4.74 -13.96
N LEU B 335 -8.48 4.17 -15.16
CA LEU B 335 -9.17 4.67 -16.35
C LEU B 335 -10.68 4.53 -16.46
N THR B 336 -11.25 3.67 -15.62
CA THR B 336 -12.68 3.40 -15.68
C THR B 336 -13.42 3.49 -14.37
N GLU B 337 -14.75 3.45 -14.46
CA GLU B 337 -15.61 3.43 -13.29
C GLU B 337 -16.74 2.46 -13.60
N VAL B 338 -17.16 1.72 -12.58
CA VAL B 338 -18.24 0.76 -12.73
C VAL B 338 -19.55 1.43 -12.39
N ASP B 339 -20.65 0.88 -12.91
CA ASP B 339 -21.99 1.42 -12.66
C ASP B 339 -22.24 1.44 -11.15
N LYS B 340 -22.98 2.44 -10.69
CA LYS B 340 -23.29 2.61 -9.28
C LYS B 340 -23.93 1.36 -8.65
N LYS B 341 -24.66 0.59 -9.43
CA LYS B 341 -25.29 -0.62 -8.92
C LYS B 341 -24.28 -1.69 -8.51
N HIS B 342 -23.01 -1.48 -8.86
CA HIS B 342 -21.94 -2.43 -8.51
C HIS B 342 -20.89 -1.78 -7.61
N ALA B 343 -21.11 -0.52 -7.24
CA ALA B 343 -20.18 0.23 -6.39
C ALA B 343 -19.83 -0.45 -5.06
N ALA B 344 -20.75 -1.26 -4.56
CA ALA B 344 -20.57 -1.98 -3.29
C ALA B 344 -20.06 -3.41 -3.48
N LEU B 345 -20.00 -3.87 -4.72
CA LEU B 345 -19.54 -5.23 -5.00
C LEU B 345 -18.06 -5.39 -4.67
N PRO B 346 -17.70 -6.44 -3.93
CA PRO B 346 -16.31 -6.69 -3.55
C PRO B 346 -15.49 -7.13 -4.75
N SER B 347 -14.19 -6.86 -4.73
CA SER B 347 -13.31 -7.21 -5.81
C SER B 347 -12.65 -8.57 -5.66
N THR B 348 -12.38 -9.21 -6.79
CA THR B 348 -11.75 -10.52 -6.84
C THR B 348 -10.51 -10.39 -7.71
N SER B 349 -9.39 -10.91 -7.23
CA SER B 349 -8.11 -10.87 -7.96
C SER B 349 -8.14 -11.79 -9.18
N LEU B 350 -7.19 -11.57 -10.09
CA LEU B 350 -7.08 -12.40 -11.30
C LEU B 350 -6.67 -13.82 -10.91
N GLN B 351 -5.87 -13.92 -9.86
N GLN B 351 -5.86 -13.93 -9.86
CA GLN B 351 -5.41 -15.23 -9.36
CA GLN B 351 -5.42 -15.25 -9.39
C GLN B 351 -6.63 -16.08 -9.01
C GLN B 351 -6.65 -16.08 -9.03
N ASP B 352 -7.62 -15.45 -8.38
CA ASP B 352 -8.85 -16.15 -8.01
C ASP B 352 -9.76 -16.39 -9.20
N LEU B 353 -9.91 -15.36 -10.03
CA LEU B 353 -10.75 -15.41 -11.21
C LEU B 353 -10.34 -16.50 -12.20
N PHE B 354 -9.05 -16.65 -12.43
CA PHE B 354 -8.55 -17.62 -13.39
C PHE B 354 -7.95 -18.91 -12.87
N HIS B 355 -7.52 -18.93 -11.60
CA HIS B 355 -6.92 -20.13 -11.07
C HIS B 355 -7.74 -20.84 -9.99
N HIS B 356 -8.79 -20.20 -9.49
CA HIS B 356 -9.60 -20.81 -8.44
C HIS B 356 -11.10 -20.79 -8.66
N ALA B 357 -11.56 -20.05 -9.66
CA ALA B 357 -13.00 -19.95 -9.93
C ALA B 357 -13.71 -21.27 -10.22
N ASP B 358 -12.93 -22.33 -10.45
CA ASP B 358 -13.51 -23.65 -10.70
C ASP B 358 -13.21 -24.65 -9.58
N SER B 359 -12.69 -24.14 -8.46
CA SER B 359 -12.36 -25.00 -7.33
C SER B 359 -12.67 -24.38 -5.97
N ASP B 360 -13.20 -23.16 -5.98
CA ASP B 360 -13.55 -22.46 -4.74
C ASP B 360 -15.07 -22.32 -4.68
N LYS B 361 -15.66 -22.91 -3.63
CA LYS B 361 -17.10 -22.88 -3.41
C LYS B 361 -17.74 -21.51 -3.57
N GLU B 362 -17.11 -20.50 -2.97
CA GLU B 362 -17.64 -19.13 -3.02
C GLU B 362 -17.55 -18.50 -4.42
N LEU B 363 -16.47 -18.80 -5.14
CA LEU B 363 -16.27 -18.27 -6.49
C LEU B 363 -17.21 -18.94 -7.51
N GLN B 364 -17.44 -20.24 -7.33
CA GLN B 364 -18.33 -21.02 -8.21
C GLN B 364 -19.79 -20.57 -8.06
N ALA B 365 -20.09 -19.92 -6.94
CA ALA B 365 -21.46 -19.46 -6.66
C ALA B 365 -21.86 -18.18 -7.40
N GLN B 366 -20.89 -17.50 -8.01
CA GLN B 366 -21.18 -16.26 -8.71
C GLN B 366 -20.86 -16.24 -10.19
N ASP B 367 -21.55 -15.38 -10.94
CA ASP B 367 -21.30 -15.25 -12.37
C ASP B 367 -20.81 -13.83 -12.69
N THR B 368 -21.05 -12.92 -11.75
CA THR B 368 -20.64 -11.52 -11.89
C THR B 368 -19.58 -11.18 -10.85
N PHE B 369 -18.50 -10.55 -11.31
CA PHE B 369 -17.39 -10.18 -10.44
C PHE B 369 -16.89 -8.77 -10.73
N ARG B 370 -16.09 -8.24 -9.81
CA ARG B 370 -15.48 -6.93 -9.99
C ARG B 370 -13.99 -7.18 -9.81
N THR B 371 -13.18 -6.60 -10.67
CA THR B 371 -11.75 -6.81 -10.57
C THR B 371 -10.98 -5.60 -11.09
N GLN B 372 -9.67 -5.59 -10.84
CA GLN B 372 -8.81 -4.52 -11.30
C GLN B 372 -7.60 -5.14 -11.97
N PHE B 373 -7.08 -4.49 -13.01
CA PHE B 373 -5.94 -5.03 -13.73
C PHE B 373 -5.36 -4.00 -14.69
N TYR B 374 -4.19 -4.29 -15.25
CA TYR B 374 -3.61 -3.42 -16.27
C TYR B 374 -3.56 -4.24 -17.56
N VAL B 375 -3.74 -3.55 -18.68
CA VAL B 375 -3.74 -4.21 -19.98
C VAL B 375 -2.35 -4.23 -20.58
N THR B 376 -1.87 -5.42 -20.93
CA THR B 376 -0.53 -5.56 -21.52
C THR B 376 -0.58 -5.50 -23.05
N LYS B 377 -1.67 -6.01 -23.63
CA LYS B 377 -1.83 -6.05 -25.08
C LYS B 377 -3.32 -6.06 -25.43
N ILE B 378 -3.66 -5.40 -26.54
CA ILE B 378 -5.04 -5.35 -27.01
C ILE B 378 -5.10 -5.99 -28.39
N GLU B 379 -6.05 -6.90 -28.58
CA GLU B 379 -6.23 -7.58 -29.85
C GLU B 379 -7.66 -7.36 -30.35
N PRO B 380 -7.83 -7.18 -31.69
CA PRO B 380 -6.78 -7.18 -32.71
C PRO B 380 -5.93 -5.93 -32.63
N SER B 381 -4.71 -6.03 -33.15
CA SER B 381 -3.75 -4.92 -33.15
C SER B 381 -4.33 -3.72 -33.89
N ASP B 382 -4.95 -4.01 -35.04
CA ASP B 382 -5.56 -2.98 -35.87
C ASP B 382 -6.85 -2.50 -35.22
N VAL B 383 -6.84 -1.25 -34.75
CA VAL B 383 -8.00 -0.65 -34.10
C VAL B 383 -9.23 -0.61 -35.03
N LYS B 384 -8.99 -0.50 -36.35
CA LYS B 384 -10.09 -0.46 -37.31
C LYS B 384 -10.91 -1.75 -37.27
N GLU B 385 -10.27 -2.85 -36.88
CA GLU B 385 -10.97 -4.12 -36.78
C GLU B 385 -11.62 -4.38 -35.42
N TRP B 386 -11.60 -3.42 -34.51
CA TRP B 386 -12.24 -3.63 -33.19
C TRP B 386 -13.73 -3.80 -33.33
N VAL B 387 -14.30 -3.14 -34.34
CA VAL B 387 -15.73 -3.24 -34.60
C VAL B 387 -15.93 -4.10 -35.85
N LYS B 388 -16.77 -5.12 -35.70
CA LYS B 388 -17.05 -6.05 -36.79
C LYS B 388 -18.56 -6.18 -36.97
N GLY B 389 -18.95 -6.77 -38.09
CA GLY B 389 -20.36 -6.98 -38.36
C GLY B 389 -20.72 -8.34 -37.78
N TYR B 390 -21.87 -8.45 -37.14
CA TYR B 390 -22.26 -9.72 -36.52
C TYR B 390 -23.55 -10.31 -37.08
N ASP B 391 -23.43 -11.51 -37.63
CA ASP B 391 -24.57 -12.23 -38.20
C ASP B 391 -25.10 -13.14 -37.08
N ARG B 392 -26.21 -12.73 -36.48
CA ARG B 392 -26.84 -13.48 -35.39
C ARG B 392 -27.15 -14.91 -35.77
N LYS B 393 -27.68 -15.09 -36.97
CA LYS B 393 -28.04 -16.42 -37.46
C LYS B 393 -26.90 -17.43 -37.50
N THR B 394 -25.74 -17.01 -38.00
CA THR B 394 -24.59 -17.92 -38.09
C THR B 394 -23.59 -17.83 -36.96
N LYS B 395 -23.83 -16.89 -36.02
CA LYS B 395 -22.94 -16.66 -34.88
C LYS B 395 -21.51 -16.43 -35.38
N LYS B 396 -21.38 -15.62 -36.42
CA LYS B 396 -20.08 -15.30 -36.99
C LYS B 396 -19.90 -13.81 -37.21
N SER B 397 -18.69 -13.33 -36.95
CA SER B 397 -18.40 -11.92 -37.13
C SER B 397 -17.52 -11.77 -38.36
N SER B 398 -17.47 -10.57 -38.91
CA SER B 398 -16.67 -10.33 -40.09
C SER B 398 -16.23 -8.88 -40.22
N SER B 399 -15.12 -8.68 -40.93
CA SER B 399 -14.58 -7.35 -41.15
C SER B 399 -15.57 -6.46 -41.87
N LEU B 400 -15.53 -5.17 -41.55
CA LEU B 400 -16.41 -4.20 -42.18
C LEU B 400 -15.71 -3.46 -43.32
N LYS B 401 -14.48 -3.87 -43.63
CA LYS B 401 -13.70 -3.23 -44.68
C LYS B 401 -14.40 -3.34 -46.04
N GLY B 402 -15.24 -4.37 -46.19
CA GLY B 402 -16.00 -4.54 -47.42
C GLY B 402 -17.19 -3.62 -47.42
N ALA B 403 -17.47 -3.07 -46.23
CA ALA B 403 -18.56 -2.13 -45.98
C ALA B 403 -19.94 -2.69 -46.32
N SER B 404 -20.97 -1.88 -46.06
CA SER B 404 -22.35 -2.25 -46.32
C SER B 404 -22.83 -3.49 -45.53
N GLY B 405 -23.69 -3.21 -44.56
CA GLY B 405 -24.29 -4.22 -43.70
C GLY B 405 -23.90 -5.68 -43.68
N LYS B 406 -23.03 -6.05 -42.73
CA LYS B 406 -22.61 -7.43 -42.52
C LYS B 406 -23.38 -7.92 -41.29
N GLY B 407 -24.34 -7.08 -40.90
CA GLY B 407 -25.18 -7.34 -39.73
C GLY B 407 -25.07 -6.16 -38.79
N ASP B 408 -25.39 -6.39 -37.51
CA ASP B 408 -25.32 -5.35 -36.50
C ASP B 408 -23.85 -5.15 -36.13
N ASN B 409 -23.43 -3.90 -35.97
CA ASN B 409 -22.05 -3.62 -35.61
C ASN B 409 -21.82 -3.91 -34.12
N ILE B 410 -20.71 -4.56 -33.80
CA ILE B 410 -20.38 -4.86 -32.41
C ILE B 410 -18.88 -4.72 -32.20
N PHE B 411 -18.48 -4.62 -30.93
CA PHE B 411 -17.06 -4.57 -30.59
C PHE B 411 -16.68 -6.02 -30.33
N GLN B 412 -15.48 -6.39 -30.75
CA GLN B 412 -14.96 -7.73 -30.51
C GLN B 412 -13.49 -7.53 -30.18
N VAL B 413 -13.26 -7.04 -28.96
CA VAL B 413 -11.93 -6.74 -28.47
C VAL B 413 -11.51 -7.67 -27.33
N GLN B 414 -10.22 -7.99 -27.30
CA GLN B 414 -9.66 -8.89 -26.29
C GLN B 414 -8.44 -8.27 -25.62
N PHE B 415 -8.52 -8.12 -24.30
CA PHE B 415 -7.41 -7.58 -23.51
C PHE B 415 -6.63 -8.74 -22.89
N LEU B 416 -5.31 -8.64 -22.85
CA LEU B 416 -4.46 -9.63 -22.19
C LEU B 416 -4.02 -8.83 -20.97
N VAL B 417 -4.52 -9.21 -19.80
CA VAL B 417 -4.26 -8.47 -18.57
C VAL B 417 -3.41 -9.13 -17.47
N LYS B 418 -2.98 -8.34 -16.49
CA LYS B 418 -2.15 -8.83 -15.39
C LYS B 418 -2.47 -7.97 -14.14
N ASP B 419 -2.11 -8.46 -12.95
CA ASP B 419 -2.38 -7.68 -11.74
C ASP B 419 -1.37 -7.97 -10.62
N ALA B 420 -1.62 -7.41 -9.43
CA ALA B 420 -0.73 -7.61 -8.29
C ALA B 420 -0.65 -9.09 -7.92
N SER B 421 -1.80 -9.76 -7.86
CA SER B 421 -1.84 -11.19 -7.49
C SER B 421 -1.14 -12.12 -8.48
N THR B 422 -0.83 -11.64 -9.68
CA THR B 422 -0.17 -12.46 -10.69
C THR B 422 1.10 -11.78 -11.19
N GLN B 423 1.55 -10.81 -10.42
CA GLN B 423 2.73 -9.99 -10.74
C GLN B 423 3.97 -10.72 -11.23
N LEU B 424 4.34 -11.82 -10.56
CA LEU B 424 5.57 -12.53 -10.93
C LEU B 424 5.45 -13.70 -11.89
N ASN B 425 4.24 -14.21 -12.13
CA ASN B 425 4.11 -15.36 -13.02
C ASN B 425 4.33 -15.05 -14.51
N ASN B 426 4.36 -16.10 -15.32
CA ASN B 426 4.61 -15.97 -16.76
C ASN B 426 3.30 -15.95 -17.55
N ASN B 427 2.26 -15.42 -16.93
CA ASN B 427 0.95 -15.38 -17.56
C ASN B 427 0.32 -14.01 -17.79
N THR B 428 -0.61 -14.00 -18.74
N THR B 428 -0.63 -14.00 -18.71
CA THR B 428 -1.42 -12.83 -19.06
CA THR B 428 -1.42 -12.82 -19.01
C THR B 428 -2.81 -13.43 -19.14
C THR B 428 -2.81 -13.44 -19.12
N TYR B 429 -3.83 -12.67 -18.78
CA TYR B 429 -5.19 -13.19 -18.80
C TYR B 429 -6.18 -12.50 -19.73
N ARG B 430 -6.96 -13.32 -20.43
CA ARG B 430 -7.95 -12.80 -21.37
C ARG B 430 -9.20 -12.25 -20.74
N VAL B 431 -9.49 -11.00 -21.05
CA VAL B 431 -10.70 -10.37 -20.58
C VAL B 431 -11.33 -9.86 -21.87
N LEU B 432 -12.59 -10.20 -22.10
CA LEU B 432 -13.25 -9.82 -23.33
C LEU B 432 -14.21 -8.66 -23.33
N LEU B 433 -14.30 -8.00 -24.48
CA LEU B 433 -15.23 -6.90 -24.67
C LEU B 433 -15.95 -7.27 -25.99
N TYR B 434 -16.85 -8.24 -25.87
CA TYR B 434 -17.66 -8.75 -26.97
C TYR B 434 -19.07 -8.27 -26.68
N THR B 435 -19.52 -7.28 -27.46
CA THR B 435 -20.81 -6.66 -27.24
C THR B 435 -22.02 -7.13 -28.02
N GLN B 436 -21.98 -8.33 -28.59
CA GLN B 436 -23.11 -8.84 -29.37
C GLN B 436 -24.45 -8.87 -28.65
N ASP B 437 -24.42 -9.02 -27.32
CA ASP B 437 -25.67 -9.00 -26.57
C ASP B 437 -25.75 -7.88 -25.56
N GLY B 438 -25.08 -6.78 -25.85
CA GLY B 438 -25.12 -5.61 -24.99
C GLY B 438 -24.04 -5.41 -23.94
N LEU B 439 -23.39 -6.50 -23.50
CA LEU B 439 -22.35 -6.40 -22.49
C LEU B 439 -21.12 -5.60 -22.92
N GLY B 440 -20.94 -4.45 -22.27
CA GLY B 440 -19.79 -3.60 -22.56
C GLY B 440 -19.92 -2.65 -23.74
N ALA B 441 -21.13 -2.53 -24.28
CA ALA B 441 -21.38 -1.68 -25.45
C ALA B 441 -20.81 -0.26 -25.38
N ASN B 442 -20.98 0.38 -24.24
CA ASN B 442 -20.51 1.75 -24.07
C ASN B 442 -19.22 1.91 -23.31
N PHE B 443 -18.41 0.86 -23.26
CA PHE B 443 -17.14 0.90 -22.53
C PHE B 443 -16.23 2.04 -22.96
N PHE B 444 -16.06 2.21 -24.27
CA PHE B 444 -15.19 3.23 -24.80
C PHE B 444 -15.80 4.61 -24.95
N ASN B 445 -17.09 4.73 -24.64
CA ASN B 445 -17.85 5.98 -24.79
C ASN B 445 -17.90 6.31 -26.29
N VAL B 446 -17.79 5.26 -27.10
CA VAL B 446 -17.83 5.35 -28.56
C VAL B 446 -18.79 4.28 -29.02
N LYS B 447 -19.91 4.68 -29.59
CA LYS B 447 -20.90 3.73 -30.10
C LYS B 447 -20.26 2.98 -31.26
N ALA B 448 -20.52 1.68 -31.34
CA ALA B 448 -19.97 0.83 -32.40
C ALA B 448 -20.28 1.45 -33.78
N ASP B 449 -19.28 1.48 -34.65
CA ASP B 449 -19.45 2.05 -36.00
C ASP B 449 -18.36 1.47 -36.88
N ASN B 450 -18.51 1.64 -38.20
CA ASN B 450 -17.52 1.18 -39.14
C ASN B 450 -16.33 2.12 -38.96
N LEU B 451 -15.25 1.58 -38.39
CA LEU B 451 -14.05 2.38 -38.12
C LEU B 451 -13.20 2.65 -39.35
N HIS B 452 -13.50 1.95 -40.44
CA HIS B 452 -12.79 2.14 -41.70
C HIS B 452 -13.31 3.43 -42.36
N LYS B 453 -14.55 3.77 -42.06
CA LYS B 453 -15.22 4.96 -42.59
C LYS B 453 -15.33 6.14 -41.62
N ASN B 454 -15.65 5.86 -40.35
CA ASN B 454 -15.79 6.91 -39.34
C ASN B 454 -14.43 7.20 -38.69
N ALA B 455 -13.77 8.26 -39.17
CA ALA B 455 -12.47 8.66 -38.65
C ALA B 455 -12.53 9.19 -37.22
N ASP B 456 -13.65 9.83 -36.85
CA ASP B 456 -13.82 10.37 -35.51
C ASP B 456 -13.83 9.27 -34.46
N ALA B 457 -14.59 8.22 -34.72
CA ALA B 457 -14.69 7.07 -33.83
C ALA B 457 -13.35 6.36 -33.78
N ARG B 458 -12.72 6.17 -34.95
CA ARG B 458 -11.42 5.51 -35.03
C ARG B 458 -10.38 6.23 -34.19
N LYS B 459 -10.36 7.56 -34.28
CA LYS B 459 -9.40 8.37 -33.54
C LYS B 459 -9.57 8.23 -32.02
N LYS B 460 -10.81 8.30 -31.55
CA LYS B 460 -11.10 8.17 -30.12
C LYS B 460 -10.63 6.82 -29.60
N LEU B 461 -10.87 5.78 -30.38
CA LEU B 461 -10.47 4.43 -30.02
C LEU B 461 -8.97 4.24 -30.06
N GLU B 462 -8.29 4.88 -31.01
CA GLU B 462 -6.84 4.78 -31.08
C GLU B 462 -6.23 5.43 -29.83
N ASP B 463 -6.81 6.56 -29.42
CA ASP B 463 -6.33 7.29 -28.24
C ASP B 463 -6.52 6.42 -26.99
N SER B 464 -7.68 5.79 -26.89
CA SER B 464 -8.00 4.91 -25.76
C SER B 464 -7.05 3.72 -25.70
N ALA B 465 -6.72 3.16 -26.86
CA ALA B 465 -5.81 2.02 -26.90
C ALA B 465 -4.45 2.37 -26.30
N GLU B 466 -3.94 3.54 -26.65
CA GLU B 466 -2.65 4.01 -26.16
C GLU B 466 -2.69 4.23 -24.65
N LEU B 467 -3.81 4.73 -24.14
CA LEU B 467 -3.98 4.97 -22.72
C LEU B 467 -4.05 3.64 -21.96
N LEU B 468 -4.81 2.69 -22.51
CA LEU B 468 -4.97 1.38 -21.89
C LEU B 468 -3.69 0.56 -21.77
N THR B 469 -2.80 0.66 -22.76
CA THR B 469 -1.55 -0.09 -22.71
C THR B 469 -0.39 0.68 -22.10
N LYS B 470 -0.64 1.92 -21.67
CA LYS B 470 0.40 2.74 -21.07
C LYS B 470 0.71 2.26 -19.64
N PHE B 471 1.99 2.31 -19.27
CA PHE B 471 2.37 1.88 -17.93
C PHE B 471 1.63 2.68 -16.86
N ASN B 472 1.18 1.95 -15.85
CA ASN B 472 0.45 2.48 -14.72
C ASN B 472 -1.02 2.83 -14.93
N SER B 473 -1.55 2.47 -16.11
CA SER B 473 -2.97 2.68 -16.38
C SER B 473 -3.63 1.40 -15.91
N TYR B 474 -4.73 1.53 -15.20
CA TYR B 474 -5.44 0.37 -14.71
C TYR B 474 -6.89 0.45 -15.08
N VAL B 475 -7.53 -0.71 -15.12
CA VAL B 475 -8.95 -0.80 -15.39
C VAL B 475 -9.62 -1.41 -14.16
N ASP B 476 -10.73 -0.80 -13.73
CA ASP B 476 -11.56 -1.27 -12.63
C ASP B 476 -12.84 -1.66 -13.35
N ALA B 477 -13.07 -2.96 -13.47
CA ALA B 477 -14.22 -3.44 -14.21
C ALA B 477 -15.03 -4.55 -13.57
N VAL B 478 -16.29 -4.57 -13.95
CA VAL B 478 -17.22 -5.60 -13.54
C VAL B 478 -17.22 -6.56 -14.73
N VAL B 479 -17.12 -7.86 -14.46
CA VAL B 479 -17.12 -8.87 -15.51
C VAL B 479 -18.17 -9.95 -15.28
N GLU B 480 -18.66 -10.55 -16.36
CA GLU B 480 -19.62 -11.63 -16.28
C GLU B 480 -18.98 -12.86 -16.88
N ARG B 481 -19.06 -13.98 -16.17
CA ARG B 481 -18.49 -15.24 -16.64
C ARG B 481 -19.46 -15.88 -17.62
N ARG B 482 -18.96 -16.26 -18.79
CA ARG B 482 -19.79 -16.91 -19.81
C ARG B 482 -18.96 -17.93 -20.54
N ASN B 483 -19.39 -19.19 -20.45
CA ASN B 483 -18.71 -20.31 -21.07
C ASN B 483 -17.21 -20.27 -20.83
N GLY B 484 -16.82 -20.09 -19.58
CA GLY B 484 -15.41 -20.06 -19.23
C GLY B 484 -14.67 -18.76 -19.51
N PHE B 485 -15.38 -17.76 -20.03
CA PHE B 485 -14.73 -16.48 -20.33
C PHE B 485 -15.31 -15.34 -19.54
N TYR B 486 -14.48 -14.32 -19.31
CA TYR B 486 -14.93 -13.15 -18.59
C TYR B 486 -15.17 -11.98 -19.56
N LEU B 487 -16.39 -11.48 -19.58
CA LEU B 487 -16.77 -10.36 -20.44
C LEU B 487 -17.07 -9.12 -19.63
N ILE B 488 -16.45 -8.00 -20.02
CA ILE B 488 -16.67 -6.73 -19.34
C ILE B 488 -18.10 -6.22 -19.52
N LYS B 489 -18.68 -5.69 -18.46
CA LYS B 489 -20.01 -5.11 -18.50
C LYS B 489 -20.12 -3.99 -17.47
N ASP B 490 -21.14 -3.16 -17.65
CA ASP B 490 -21.45 -2.03 -16.77
C ASP B 490 -20.22 -1.24 -16.30
N THR B 491 -19.28 -1.02 -17.22
CA THR B 491 -18.04 -0.32 -16.95
C THR B 491 -17.76 0.67 -18.08
N LYS B 492 -17.29 1.87 -17.76
CA LYS B 492 -16.99 2.88 -18.77
C LYS B 492 -15.70 3.63 -18.48
N LEU B 493 -15.00 4.01 -19.54
CA LEU B 493 -13.78 4.80 -19.40
C LEU B 493 -14.22 6.16 -18.88
N ILE B 494 -13.36 6.81 -18.11
CA ILE B 494 -13.66 8.14 -17.60
C ILE B 494 -12.65 9.15 -18.13
N TYR B 495 -11.75 8.68 -19.00
CA TYR B 495 -10.75 9.54 -19.65
C TYR B 495 -10.83 9.31 -21.18
N GLN C 9 14.92 17.99 -8.61
CA GLN C 9 16.25 17.33 -8.45
C GLN C 9 16.22 16.28 -7.33
N GLN C 10 16.77 15.10 -7.62
CA GLN C 10 16.81 14.01 -6.66
C GLN C 10 17.92 14.20 -5.64
N GLN C 11 17.52 14.32 -4.38
CA GLN C 11 18.46 14.53 -3.28
C GLN C 11 19.13 13.25 -2.80
N SER C 12 18.48 12.11 -3.02
CA SER C 12 19.04 10.83 -2.61
C SER C 12 19.95 10.30 -3.70
N ALA C 13 21.25 10.20 -3.40
CA ALA C 13 22.21 9.70 -4.38
C ALA C 13 21.94 8.26 -4.79
N PHE C 14 21.50 7.44 -3.84
CA PHE C 14 21.22 6.03 -4.12
C PHE C 14 19.97 5.87 -4.97
N LYS C 15 18.94 6.67 -4.69
CA LYS C 15 17.69 6.58 -5.46
C LYS C 15 17.91 7.01 -6.91
N GLN C 16 18.59 8.14 -7.12
CA GLN C 16 18.87 8.64 -8.46
C GLN C 16 19.75 7.65 -9.22
N LEU C 17 20.71 7.08 -8.53
N LEU C 17 20.73 7.07 -8.53
CA LEU C 17 21.64 6.09 -9.09
CA LEU C 17 21.64 6.12 -9.12
C LEU C 17 20.95 4.81 -9.54
C LEU C 17 20.97 4.81 -9.53
N TYR C 18 20.19 4.23 -8.62
CA TYR C 18 19.48 2.98 -8.90
C TYR C 18 18.36 3.13 -9.92
N THR C 19 17.69 4.27 -9.89
CA THR C 19 16.62 4.58 -10.82
C THR C 19 17.17 4.68 -12.24
N GLU C 20 18.30 5.36 -12.40
CA GLU C 20 18.91 5.49 -13.72
C GLU C 20 19.32 4.14 -14.28
N LEU C 21 19.77 3.24 -13.39
CA LEU C 21 20.19 1.92 -13.81
C LEU C 21 19.00 1.16 -14.38
N PHE C 22 17.86 1.22 -13.68
CA PHE C 22 16.65 0.55 -14.15
C PHE C 22 16.06 1.21 -15.39
N ASN C 23 16.24 2.52 -15.51
CA ASN C 23 15.72 3.26 -16.65
C ASN C 23 16.63 3.20 -17.87
N ASN C 24 17.73 2.47 -17.76
CA ASN C 24 18.70 2.31 -18.84
C ASN C 24 19.12 0.85 -19.03
N GLU C 25 18.11 -0.01 -19.18
CA GLU C 25 18.30 -1.45 -19.40
C GLU C 25 19.29 -2.15 -18.48
N GLY C 26 19.44 -1.64 -17.26
CA GLY C 26 20.38 -2.25 -16.32
C GLY C 26 21.82 -2.19 -16.81
N ASP C 27 22.07 -1.26 -17.73
CA ASP C 27 23.40 -1.09 -18.30
C ASP C 27 24.09 0.07 -17.60
N PHE C 28 25.07 -0.25 -16.75
CA PHE C 28 25.80 0.75 -15.99
C PHE C 28 26.53 1.77 -16.87
N SER C 29 27.00 1.33 -18.03
CA SER C 29 27.72 2.22 -18.95
C SER C 29 26.81 3.34 -19.48
N LYS C 30 25.50 3.09 -19.46
CA LYS C 30 24.52 4.06 -19.94
C LYS C 30 24.09 5.05 -18.85
N VAL C 31 24.51 4.79 -17.61
CA VAL C 31 24.20 5.65 -16.47
C VAL C 31 25.07 6.91 -16.55
N SER C 32 24.49 8.06 -16.25
CA SER C 32 25.20 9.34 -16.27
C SER C 32 26.58 9.27 -15.63
N SER C 33 27.55 9.93 -16.25
N SER C 33 27.56 9.92 -16.25
CA SER C 33 28.93 9.94 -15.77
CA SER C 33 28.93 9.93 -15.75
C SER C 33 29.16 10.78 -14.52
C SER C 33 29.14 10.77 -14.50
N ASN C 34 28.43 11.89 -14.39
CA ASN C 34 28.55 12.79 -13.25
C ASN C 34 28.01 12.24 -11.93
N LEU C 35 27.65 10.97 -11.92
CA LEU C 35 27.11 10.32 -10.71
C LEU C 35 28.07 9.21 -10.29
N LYS C 36 29.11 9.00 -11.09
CA LYS C 36 30.10 7.96 -10.83
C LYS C 36 31.31 8.44 -10.03
N LYS C 37 31.06 9.34 -9.09
CA LYS C 37 32.10 9.86 -8.20
C LYS C 37 32.06 9.04 -6.91
N PRO C 38 33.18 9.03 -6.13
CA PRO C 38 33.22 8.28 -4.87
C PRO C 38 32.03 8.57 -3.95
N LEU C 39 31.53 7.54 -3.29
CA LEU C 39 30.39 7.67 -2.40
C LEU C 39 30.80 7.70 -0.92
N LYS C 40 30.35 8.72 -0.21
CA LYS C 40 30.63 8.87 1.22
C LYS C 40 29.36 8.41 1.94
N CYS C 41 29.40 7.23 2.52
CA CYS C 41 28.23 6.66 3.19
C CYS C 41 28.36 6.34 4.68
N TYR C 42 27.28 6.59 5.40
CA TYR C 42 27.22 6.30 6.83
C TYR C 42 26.77 4.85 6.96
N VAL C 43 27.46 4.08 7.78
CA VAL C 43 27.10 2.67 8.00
C VAL C 43 26.05 2.57 9.09
N LYS C 44 24.84 2.15 8.70
CA LYS C 44 23.73 2.01 9.64
C LYS C 44 23.87 0.72 10.41
N GLU C 45 24.23 -0.35 9.72
CA GLU C 45 24.40 -1.67 10.32
C GLU C 45 25.59 -2.34 9.65
N SER C 46 26.21 -3.28 10.36
CA SER C 46 27.36 -4.00 9.81
C SER C 46 27.21 -5.52 9.91
N TYR C 47 26.24 -5.98 10.70
CA TYR C 47 25.98 -7.41 10.87
C TYR C 47 24.69 -7.56 11.68
N PRO C 48 23.84 -8.55 11.32
CA PRO C 48 23.96 -9.56 10.26
C PRO C 48 23.88 -8.98 8.85
N HIS C 49 23.38 -7.76 8.74
CA HIS C 49 23.24 -7.10 7.45
C HIS C 49 24.03 -5.80 7.40
N PHE C 50 25.02 -5.74 6.51
CA PHE C 50 25.83 -4.53 6.37
C PHE C 50 25.06 -3.58 5.48
N LEU C 51 24.48 -2.54 6.09
CA LEU C 51 23.68 -1.55 5.36
C LEU C 51 24.24 -0.15 5.53
N VAL C 52 24.43 0.53 4.39
CA VAL C 52 24.93 1.90 4.38
C VAL C 52 23.81 2.83 3.93
N THR C 53 23.94 4.11 4.24
CA THR C 53 22.92 5.09 3.88
C THR C 53 23.51 6.30 3.17
N ASP C 54 22.63 7.13 2.64
CA ASP C 54 23.03 8.36 1.95
C ASP C 54 22.27 9.52 2.60
N GLY C 55 21.67 9.23 3.74
CA GLY C 55 20.90 10.24 4.46
C GLY C 55 19.40 10.14 4.20
N TYR C 56 19.00 9.24 3.31
CA TYR C 56 17.58 9.07 2.98
C TYR C 56 17.19 7.60 2.90
N PHE C 57 17.99 6.81 2.19
CA PHE C 57 17.71 5.39 2.05
C PHE C 57 18.94 4.58 2.38
N PHE C 58 18.73 3.32 2.73
CA PHE C 58 19.84 2.42 2.99
C PHE C 58 19.87 1.33 1.92
N VAL C 59 21.09 0.96 1.53
CA VAL C 59 21.32 -0.08 0.55
C VAL C 59 22.37 -1.03 1.11
N ALA C 60 22.40 -2.25 0.58
CA ALA C 60 23.36 -3.27 1.00
C ALA C 60 24.45 -3.38 -0.05
N PRO C 61 25.67 -2.93 0.29
CA PRO C 61 26.81 -2.99 -0.64
C PRO C 61 27.39 -4.40 -0.72
N TYR C 62 27.82 -4.79 -1.91
CA TYR C 62 28.39 -6.10 -2.13
C TYR C 62 29.89 -5.97 -2.40
N PHE C 63 30.69 -6.51 -1.47
CA PHE C 63 32.14 -6.44 -1.54
C PHE C 63 32.80 -7.57 -2.31
N THR C 64 33.68 -7.22 -3.24
CA THR C 64 34.40 -8.21 -4.02
C THR C 64 35.50 -8.75 -3.10
N LYS C 65 35.95 -9.98 -3.36
CA LYS C 65 37.00 -10.60 -2.55
C LYS C 65 38.28 -9.75 -2.57
N GLU C 66 38.43 -8.94 -3.61
CA GLU C 66 39.59 -8.07 -3.77
C GLU C 66 39.47 -6.82 -2.91
N ALA C 67 38.27 -6.26 -2.84
CA ALA C 67 38.01 -5.06 -2.05
C ALA C 67 38.26 -5.33 -0.56
N VAL C 68 37.89 -6.54 -0.13
CA VAL C 68 38.08 -6.97 1.26
C VAL C 68 39.55 -7.22 1.55
N ASN C 69 40.24 -7.89 0.64
CA ASN C 69 41.66 -8.17 0.81
C ASN C 69 42.49 -6.90 0.87
N GLU C 70 42.02 -5.87 0.15
CA GLU C 70 42.71 -4.58 0.14
C GLU C 70 42.45 -3.85 1.44
N PHE C 71 41.20 -3.87 1.90
CA PHE C 71 40.81 -3.20 3.14
C PHE C 71 41.54 -3.81 4.33
N HIS C 72 41.49 -5.15 4.43
CA HIS C 72 42.16 -5.86 5.51
C HIS C 72 43.63 -5.45 5.60
N ALA C 73 44.32 -5.48 4.47
CA ALA C 73 45.73 -5.14 4.39
C ALA C 73 46.09 -3.66 4.19
N LYS C 74 45.14 -2.77 4.42
CA LYS C 74 45.38 -1.34 4.28
C LYS C 74 44.94 -0.70 5.59
N PHE C 75 44.07 -1.42 6.29
CA PHE C 75 43.53 -1.01 7.58
C PHE C 75 43.35 -2.29 8.40
N PRO C 76 44.48 -2.92 8.81
CA PRO C 76 44.47 -4.17 9.59
C PRO C 76 43.89 -4.01 11.00
N ASN C 77 43.98 -2.80 11.53
CA ASN C 77 43.47 -2.50 12.86
C ASN C 77 41.96 -2.24 12.86
N VAL C 78 41.33 -2.41 11.69
CA VAL C 78 39.90 -2.19 11.55
C VAL C 78 39.09 -3.42 11.15
N ASN C 79 38.08 -3.73 11.95
CA ASN C 79 37.18 -4.85 11.69
C ASN C 79 35.96 -4.31 10.95
N ILE C 80 35.70 -4.84 9.76
CA ILE C 80 34.57 -4.41 8.93
C ILE C 80 33.23 -4.59 9.63
N VAL C 81 33.01 -5.76 10.22
CA VAL C 81 31.77 -6.04 10.92
C VAL C 81 31.61 -5.18 12.18
N ASP C 82 32.62 -4.35 12.46
CA ASP C 82 32.60 -3.46 13.62
C ASP C 82 32.50 -2.01 13.14
N LEU C 83 32.02 -1.82 11.92
CA LEU C 83 31.88 -0.49 11.33
C LEU C 83 30.54 0.18 11.58
N THR C 84 29.67 -0.44 12.38
CA THR C 84 28.36 0.13 12.68
C THR C 84 28.56 1.54 13.24
N ASP C 85 27.76 2.49 12.74
CA ASP C 85 27.81 3.89 13.15
C ASP C 85 29.03 4.62 12.54
N LYS C 86 29.84 3.88 11.80
CA LYS C 86 31.03 4.46 11.18
C LYS C 86 30.78 4.89 9.74
N VAL C 87 31.51 5.91 9.29
CA VAL C 87 31.37 6.41 7.92
C VAL C 87 32.45 5.81 7.02
N ILE C 88 32.05 5.29 5.86
CA ILE C 88 32.98 4.71 4.91
C ILE C 88 32.95 5.50 3.61
N VAL C 89 33.96 5.28 2.77
CA VAL C 89 34.06 5.94 1.48
C VAL C 89 34.33 4.89 0.41
N ILE C 90 33.48 4.85 -0.60
CA ILE C 90 33.63 3.89 -1.69
C ILE C 90 34.23 4.60 -2.90
N ASN C 91 35.49 4.27 -3.19
CA ASN C 91 36.21 4.86 -4.31
C ASN C 91 35.97 4.15 -5.63
N ASN C 92 36.04 2.83 -5.61
CA ASN C 92 35.83 2.01 -6.79
C ASN C 92 34.55 1.20 -6.62
N TRP C 93 33.60 1.40 -7.52
CA TRP C 93 32.31 0.70 -7.46
C TRP C 93 31.56 0.68 -8.79
N SER C 94 30.64 -0.29 -8.91
CA SER C 94 29.82 -0.45 -10.11
C SER C 94 28.42 -0.92 -9.73
N LEU C 95 27.51 -0.90 -10.69
CA LEU C 95 26.12 -1.32 -10.47
C LEU C 95 25.71 -2.39 -11.48
N GLU C 96 24.89 -3.34 -11.04
CA GLU C 96 24.42 -4.40 -11.93
C GLU C 96 23.12 -5.04 -11.45
N LEU C 97 22.26 -5.43 -12.40
CA LEU C 97 20.99 -6.07 -12.08
C LEU C 97 21.16 -7.56 -11.88
N ARG C 98 20.38 -8.12 -10.96
CA ARG C 98 20.43 -9.55 -10.67
C ARG C 98 19.03 -10.09 -10.40
N ARG C 99 18.76 -11.31 -10.84
CA ARG C 99 17.46 -11.92 -10.59
C ARG C 99 17.58 -12.59 -9.21
N VAL C 100 16.66 -12.25 -8.31
CA VAL C 100 16.72 -12.82 -6.97
C VAL C 100 15.34 -13.25 -6.48
N ASN C 101 15.30 -13.91 -5.32
CA ASN C 101 14.06 -14.34 -4.71
C ASN C 101 13.71 -13.28 -3.68
N SER C 102 12.80 -12.40 -4.05
CA SER C 102 12.39 -11.31 -3.17
C SER C 102 11.75 -11.74 -1.85
N ALA C 103 11.34 -13.01 -1.78
CA ALA C 103 10.74 -13.52 -0.57
C ALA C 103 11.80 -13.80 0.49
N GLU C 104 13.07 -13.82 0.05
CA GLU C 104 14.21 -14.08 0.93
C GLU C 104 15.13 -12.87 1.06
N VAL C 105 15.34 -12.16 -0.04
CA VAL C 105 16.19 -10.98 -0.06
C VAL C 105 15.37 -9.72 0.12
N PHE C 106 15.50 -9.06 1.28
CA PHE C 106 14.72 -7.84 1.55
C PHE C 106 15.21 -6.60 0.82
N THR C 107 16.43 -6.63 0.29
CA THR C 107 16.96 -5.50 -0.46
C THR C 107 16.71 -5.72 -1.96
N SER C 108 15.47 -6.02 -2.31
CA SER C 108 15.09 -6.26 -3.71
C SER C 108 13.58 -6.09 -3.85
N TYR C 109 13.10 -6.11 -5.09
CA TYR C 109 11.68 -5.97 -5.35
C TYR C 109 11.29 -6.70 -6.62
N ALA C 110 10.16 -7.41 -6.56
CA ALA C 110 9.64 -8.16 -7.72
C ALA C 110 10.69 -9.06 -8.37
N ASN C 111 11.51 -9.69 -7.53
CA ASN C 111 12.57 -10.61 -7.95
C ASN C 111 13.71 -9.98 -8.74
N LEU C 112 13.87 -8.67 -8.58
CA LEU C 112 14.93 -7.91 -9.23
C LEU C 112 15.70 -7.12 -8.19
N GLU C 113 17.01 -7.03 -8.37
CA GLU C 113 17.86 -6.29 -7.45
C GLU C 113 18.99 -5.56 -8.14
N ALA C 114 19.12 -4.28 -7.80
CA ALA C 114 20.19 -3.44 -8.32
C ALA C 114 21.25 -3.51 -7.21
N ARG C 115 22.38 -4.15 -7.51
CA ARG C 115 23.47 -4.31 -6.54
C ARG C 115 24.60 -3.30 -6.68
N LEU C 116 25.08 -2.79 -5.54
CA LEU C 116 26.19 -1.85 -5.52
C LEU C 116 27.43 -2.70 -5.31
N ILE C 117 28.21 -2.86 -6.37
CA ILE C 117 29.43 -3.66 -6.32
C ILE C 117 30.60 -2.79 -5.87
N VAL C 118 31.12 -3.08 -4.67
CA VAL C 118 32.23 -2.33 -4.11
C VAL C 118 33.57 -2.97 -4.47
N HIS C 119 34.48 -2.17 -5.02
CA HIS C 119 35.80 -2.62 -5.41
C HIS C 119 36.92 -2.03 -4.53
N SER C 120 36.61 -0.94 -3.83
CA SER C 120 37.58 -0.27 -2.96
C SER C 120 36.90 0.72 -2.02
N PHE C 121 37.11 0.52 -0.71
CA PHE C 121 36.52 1.40 0.30
C PHE C 121 37.43 1.66 1.50
N LYS C 122 37.40 2.91 1.97
CA LYS C 122 38.21 3.33 3.11
C LYS C 122 37.33 3.93 4.22
N PRO C 123 37.69 3.68 5.49
CA PRO C 123 36.94 4.20 6.64
C PRO C 123 37.43 5.55 7.19
N ASN C 124 36.53 6.52 7.25
CA ASN C 124 36.82 7.85 7.77
C ASN C 124 36.31 7.92 9.21
N LEU C 125 36.78 7.00 10.05
CA LEU C 125 36.36 6.91 11.45
C LEU C 125 36.46 8.21 12.23
N GLN C 126 35.64 8.32 13.26
CA GLN C 126 35.58 9.50 14.13
C GLN C 126 35.12 10.77 13.41
N GLU C 127 34.51 10.61 12.24
CA GLU C 127 33.98 11.76 11.50
C GLU C 127 32.48 11.79 11.74
N ARG C 128 32.01 12.82 12.44
CA ARG C 128 30.60 12.91 12.73
C ARG C 128 29.77 13.39 11.55
N LEU C 129 28.86 12.52 11.09
CA LEU C 129 28.02 12.87 9.96
C LEU C 129 26.79 13.64 10.42
N ASN C 130 26.40 14.61 9.61
CA ASN C 130 25.27 15.50 9.84
C ASN C 130 23.96 14.73 10.08
N PRO C 131 23.23 15.05 11.18
CA PRO C 131 21.97 14.35 11.45
C PRO C 131 21.04 14.45 10.24
N THR C 132 20.17 13.46 10.07
N THR C 132 20.16 13.46 10.09
CA THR C 132 19.24 13.44 8.94
CA THR C 132 19.26 13.41 8.94
C THR C 132 17.93 12.72 9.26
C THR C 132 17.94 12.69 9.26
N ARG C 133 17.14 12.45 8.22
CA ARG C 133 15.86 11.74 8.36
C ARG C 133 16.21 10.26 8.60
N TYR C 134 15.28 9.51 9.17
CA TYR C 134 15.53 8.09 9.42
C TYR C 134 15.56 7.34 8.07
N PRO C 135 16.68 6.66 7.77
CA PRO C 135 16.87 5.91 6.52
C PRO C 135 15.95 4.71 6.34
N VAL C 136 15.36 4.60 5.15
CA VAL C 136 14.46 3.49 4.83
C VAL C 136 14.99 2.66 3.66
N ASN C 137 14.47 1.43 3.56
CA ASN C 137 14.87 0.51 2.51
C ASN C 137 14.48 1.10 1.16
N LEU C 138 15.46 1.31 0.28
CA LEU C 138 15.18 1.88 -1.04
C LEU C 138 14.15 1.01 -1.78
N PHE C 139 14.28 -0.30 -1.62
CA PHE C 139 13.39 -1.26 -2.27
C PHE C 139 11.99 -1.36 -1.66
N ARG C 140 11.66 -0.39 -0.80
CA ARG C 140 10.34 -0.31 -0.20
C ARG C 140 9.73 1.06 -0.48
N ASP C 141 10.49 1.91 -1.17
CA ASP C 141 10.07 3.26 -1.55
C ASP C 141 8.95 3.17 -2.61
N ASP C 142 7.95 4.06 -2.50
CA ASP C 142 6.80 4.09 -3.42
C ASP C 142 7.27 4.32 -4.87
N GLU C 143 7.96 5.42 -5.13
CA GLU C 143 8.45 5.71 -6.47
C GLU C 143 9.41 4.66 -7.03
N PHE C 144 10.35 4.22 -6.21
CA PHE C 144 11.31 3.23 -6.68
C PHE C 144 10.67 1.90 -7.04
N LYS C 145 9.70 1.45 -6.25
CA LYS C 145 8.99 0.21 -6.55
C LYS C 145 8.29 0.39 -7.89
N THR C 146 7.71 1.58 -8.07
CA THR C 146 6.99 1.93 -9.29
C THR C 146 7.95 1.95 -10.50
N THR C 147 9.16 2.45 -10.28
CA THR C 147 10.17 2.48 -11.34
C THR C 147 10.50 1.05 -11.77
N ILE C 148 10.58 0.15 -10.80
CA ILE C 148 10.86 -1.24 -11.10
C ILE C 148 9.67 -1.91 -11.83
N GLN C 149 8.45 -1.49 -11.49
CA GLN C 149 7.27 -2.04 -12.14
C GLN C 149 7.25 -1.62 -13.61
N HIS C 150 7.69 -0.39 -13.88
CA HIS C 150 7.74 0.13 -15.25
C HIS C 150 8.70 -0.71 -16.07
N PHE C 151 9.82 -1.06 -15.44
CA PHE C 151 10.84 -1.87 -16.06
C PHE C 151 10.28 -3.25 -16.43
N ARG C 152 9.52 -3.85 -15.53
CA ARG C 152 8.93 -5.16 -15.78
C ARG C 152 7.80 -5.08 -16.80
N HIS C 153 7.07 -3.97 -16.78
CA HIS C 153 5.95 -3.74 -17.69
C HIS C 153 6.50 -3.70 -19.13
N THR C 154 7.63 -3.02 -19.30
CA THR C 154 8.28 -2.91 -20.60
C THR C 154 8.72 -4.28 -21.11
N ALA C 155 9.38 -5.05 -20.24
CA ALA C 155 9.85 -6.39 -20.58
C ALA C 155 8.67 -7.33 -20.84
N LEU C 156 7.59 -7.15 -20.08
CA LEU C 156 6.39 -7.97 -20.22
C LEU C 156 5.70 -7.71 -21.57
N GLN C 157 5.56 -6.43 -21.93
CA GLN C 157 4.92 -6.05 -23.17
C GLN C 157 5.74 -6.46 -24.40
N ALA C 158 7.06 -6.40 -24.29
CA ALA C 158 7.94 -6.80 -25.38
C ALA C 158 7.81 -8.29 -25.66
N ALA C 159 7.80 -9.09 -24.59
CA ALA C 159 7.67 -10.54 -24.68
C ALA C 159 6.31 -11.02 -25.19
N ILE C 160 5.24 -10.43 -24.67
CA ILE C 160 3.89 -10.80 -25.06
C ILE C 160 3.62 -10.47 -26.54
N ASN C 161 4.12 -9.32 -27.00
CA ASN C 161 3.95 -8.90 -28.38
C ASN C 161 4.79 -9.75 -29.33
N LYS C 162 5.80 -10.42 -28.77
CA LYS C 162 6.69 -11.28 -29.52
C LYS C 162 6.12 -12.71 -29.55
N THR C 163 5.55 -13.15 -28.43
CA THR C 163 4.99 -14.48 -28.28
C THR C 163 3.62 -14.64 -28.95
N VAL C 164 2.69 -13.77 -28.58
CA VAL C 164 1.35 -13.79 -29.15
C VAL C 164 1.37 -13.07 -30.50
N LYS C 165 1.10 -13.81 -31.57
CA LYS C 165 1.12 -13.25 -32.91
C LYS C 165 -0.05 -13.72 -33.78
N GLY C 166 -0.47 -12.86 -34.70
CA GLY C 166 -1.58 -13.19 -35.58
C GLY C 166 -2.92 -13.12 -34.87
N ASP C 167 -3.91 -13.83 -35.39
CA ASP C 167 -5.23 -13.85 -34.77
C ASP C 167 -5.27 -14.86 -33.63
N ASN C 168 -5.71 -14.38 -32.47
CA ASN C 168 -5.82 -15.21 -31.28
C ASN C 168 -7.09 -14.83 -30.55
N LEU C 169 -8.01 -14.20 -31.25
CA LEU C 169 -9.28 -13.79 -30.64
C LEU C 169 -10.14 -15.01 -30.36
N VAL C 170 -10.82 -14.98 -29.23
CA VAL C 170 -11.73 -16.05 -28.86
C VAL C 170 -12.84 -16.02 -29.91
N ASP C 171 -13.15 -17.17 -30.50
CA ASP C 171 -14.21 -17.21 -31.51
C ASP C 171 -15.50 -16.74 -30.88
N ILE C 172 -16.13 -15.76 -31.51
CA ILE C 172 -17.36 -15.19 -30.98
C ILE C 172 -18.50 -16.18 -30.75
N SER C 173 -18.49 -17.30 -31.46
CA SER C 173 -19.55 -18.29 -31.28
C SER C 173 -19.49 -18.88 -29.86
N LYS C 174 -18.28 -18.96 -29.30
CA LYS C 174 -18.08 -19.50 -27.95
C LYS C 174 -18.72 -18.66 -26.84
N VAL C 175 -18.90 -17.36 -27.07
CA VAL C 175 -19.51 -16.51 -26.05
C VAL C 175 -20.93 -16.08 -26.40
N ALA C 176 -21.40 -16.55 -27.56
CA ALA C 176 -22.75 -16.23 -28.02
C ALA C 176 -23.64 -17.44 -27.76
N ASP C 177 -24.88 -17.18 -27.34
CA ASP C 177 -25.86 -18.23 -27.05
C ASP C 177 -25.20 -19.25 -26.10
N ALA C 178 -24.52 -18.73 -25.08
CA ALA C 178 -23.82 -19.57 -24.11
C ALA C 178 -24.68 -20.05 -22.96
N ALA C 179 -25.99 -19.92 -23.08
CA ALA C 179 -26.92 -20.34 -22.05
C ALA C 179 -26.72 -21.82 -21.70
N GLY C 180 -26.47 -22.62 -22.72
CA GLY C 180 -26.26 -24.05 -22.52
C GLY C 180 -24.80 -24.43 -22.64
N LYS C 181 -23.92 -23.46 -22.43
CA LYS C 181 -22.49 -23.72 -22.52
C LYS C 181 -21.76 -23.50 -21.20
N LYS C 182 -20.81 -24.38 -20.92
CA LYS C 182 -20.01 -24.29 -19.71
C LYS C 182 -18.55 -24.40 -20.06
N GLY C 183 -17.72 -23.62 -19.39
CA GLY C 183 -16.31 -23.68 -19.68
C GLY C 183 -15.45 -23.53 -18.45
N LYS C 184 -14.18 -23.88 -18.60
CA LYS C 184 -13.23 -23.77 -17.52
C LYS C 184 -12.50 -22.45 -17.71
N VAL C 185 -12.49 -21.63 -16.66
CA VAL C 185 -11.85 -20.32 -16.71
C VAL C 185 -10.38 -20.33 -17.05
N ASP C 186 -9.70 -21.46 -16.85
CA ASP C 186 -8.28 -21.49 -17.18
C ASP C 186 -8.03 -21.46 -18.69
N ALA C 187 -9.11 -21.42 -19.46
CA ALA C 187 -9.01 -21.34 -20.92
C ALA C 187 -8.51 -19.93 -21.29
N GLY C 188 -8.67 -19.00 -20.36
CA GLY C 188 -8.26 -17.62 -20.58
C GLY C 188 -6.81 -17.30 -20.24
N ILE C 189 -6.05 -18.32 -19.85
CA ILE C 189 -4.65 -18.13 -19.49
C ILE C 189 -3.74 -18.19 -20.70
N VAL C 190 -3.00 -17.12 -20.93
CA VAL C 190 -2.09 -17.03 -22.06
C VAL C 190 -0.66 -16.81 -21.57
N LYS C 191 0.23 -17.72 -21.92
CA LYS C 191 1.62 -17.61 -21.51
C LYS C 191 2.27 -16.39 -22.17
N ALA C 192 2.95 -15.57 -21.36
CA ALA C 192 3.61 -14.36 -21.82
C ALA C 192 4.89 -14.64 -22.60
N SER C 193 5.49 -15.80 -22.37
CA SER C 193 6.71 -16.19 -23.06
C SER C 193 6.80 -17.69 -23.17
N ALA C 194 7.59 -18.15 -24.13
CA ALA C 194 7.79 -19.59 -24.35
C ALA C 194 8.67 -20.23 -23.27
N SER C 195 9.24 -19.40 -22.42
CA SER C 195 10.12 -19.83 -21.33
C SER C 195 9.53 -20.91 -20.41
N LYS C 196 10.42 -21.68 -19.80
CA LYS C 196 10.02 -22.75 -18.88
C LYS C 196 9.92 -22.19 -17.47
N GLY C 197 8.91 -22.64 -16.73
CA GLY C 197 8.71 -22.19 -15.36
C GLY C 197 7.53 -21.26 -15.24
N ASP C 198 6.90 -21.25 -14.06
CA ASP C 198 5.74 -20.40 -13.80
C ASP C 198 6.12 -18.92 -13.66
N GLU C 199 7.39 -18.65 -13.37
CA GLU C 199 7.87 -17.28 -13.21
C GLU C 199 8.34 -16.63 -14.51
N PHE C 200 7.96 -15.38 -14.74
CA PHE C 200 8.37 -14.64 -15.93
C PHE C 200 9.88 -14.38 -15.85
N SER C 201 10.60 -14.77 -16.89
CA SER C 201 12.05 -14.61 -16.91
C SER C 201 12.60 -14.13 -18.26
N ASP C 202 11.71 -13.82 -19.19
CA ASP C 202 12.13 -13.37 -20.51
C ASP C 202 12.53 -11.90 -20.60
N PHE C 203 13.60 -11.55 -19.88
CA PHE C 203 14.12 -10.18 -19.88
C PHE C 203 15.21 -10.08 -20.96
N SER C 204 15.59 -8.86 -21.31
CA SER C 204 16.62 -8.65 -22.33
C SER C 204 17.89 -8.02 -21.76
N PHE C 205 17.84 -7.58 -20.50
CA PHE C 205 19.01 -6.96 -19.87
C PHE C 205 20.11 -7.97 -19.58
N LYS C 206 21.35 -7.50 -19.62
CA LYS C 206 22.50 -8.35 -19.35
C LYS C 206 22.71 -8.44 -17.85
N GLU C 207 22.33 -9.59 -17.27
CA GLU C 207 22.44 -9.81 -15.83
C GLU C 207 23.89 -9.85 -15.38
N GLY C 208 24.19 -9.14 -14.30
CA GLY C 208 25.54 -9.12 -13.76
C GLY C 208 25.96 -10.49 -13.26
N ASN C 209 27.25 -10.68 -13.05
CA ASN C 209 27.77 -11.97 -12.59
C ASN C 209 28.91 -11.83 -11.59
N THR C 210 29.24 -10.59 -11.22
CA THR C 210 30.32 -10.31 -10.28
C THR C 210 30.18 -11.09 -8.98
N ALA C 211 31.15 -11.96 -8.70
CA ALA C 211 31.16 -12.77 -7.49
C ALA C 211 31.54 -11.91 -6.30
N THR C 212 30.69 -11.90 -5.29
CA THR C 212 30.91 -11.11 -4.09
C THR C 212 31.08 -11.98 -2.84
N LEU C 213 31.59 -11.38 -1.77
CA LEU C 213 31.79 -12.09 -0.51
C LEU C 213 30.60 -11.96 0.41
N LYS C 214 30.15 -13.10 0.96
CA LYS C 214 29.02 -13.10 1.89
C LYS C 214 29.48 -12.52 3.22
N ILE C 215 28.63 -11.68 3.81
CA ILE C 215 28.93 -11.02 5.08
C ILE C 215 29.23 -11.97 6.25
N ALA C 216 28.57 -13.11 6.27
CA ALA C 216 28.77 -14.10 7.34
C ALA C 216 30.14 -14.77 7.25
N ASP C 217 30.84 -14.54 6.14
CA ASP C 217 32.17 -15.11 5.93
C ASP C 217 33.26 -14.11 6.27
N ILE C 218 32.95 -12.83 6.13
CA ILE C 218 33.91 -11.77 6.46
C ILE C 218 33.97 -11.68 7.99
N PHE C 219 33.01 -12.32 8.64
CA PHE C 219 32.92 -12.36 10.09
C PHE C 219 33.95 -13.35 10.64
N VAL C 220 34.07 -14.51 9.99
CA VAL C 220 35.02 -15.54 10.43
C VAL C 220 36.47 -15.12 10.16
N GLN C 221 36.69 -14.47 9.03
CA GLN C 221 38.03 -14.00 8.67
C GLN C 221 38.53 -12.98 9.68
N GLU C 222 37.60 -12.17 10.20
CA GLU C 222 37.94 -11.13 11.17
C GLU C 222 37.76 -11.50 12.63
N LYS C 223 36.81 -12.39 12.93
CA LYS C 223 36.54 -12.78 14.32
C LYS C 223 36.29 -14.26 14.59
N GLY C 224 36.95 -15.13 13.82
CA GLY C 224 36.79 -16.57 13.99
C GLY C 224 35.36 -17.05 13.96
#